data_7Y8M
#
_entry.id   7Y8M
#
_cell.length_a   137.456
_cell.length_b   67.668
_cell.length_c   140.764
_cell.angle_alpha   90.000
_cell.angle_beta   104.870
_cell.angle_gamma   90.000
#
_symmetry.space_group_name_H-M   'C 1 2 1'
#
loop_
_entity.id
_entity.type
_entity.pdbx_description
1 polymer reductase
2 non-polymer 'NADPH DIHYDRO-NICOTINAMIDE-ADENINE-DINUCLEOTIDE PHOSPHATE'
3 non-polymer 2-[2,5-bis(fluoranyl)phenyl]pyrrolidine
4 water water
#
_entity_poly.entity_id   1
_entity_poly.type   'polypeptide(L)'
_entity_poly.pdbx_seq_one_letter_code
;MSRPAPLTLIGLGPMGQAMGNALLDRGHGLTVWNRTASRADALVERGAVRAPDVAAAVAANELVVLSLTDYDAMYALLGP
AADALAGKVVVNLSSDTPEKTRAGARWIAEHGGTLIAGGVTCPPSGIGSPESSAFYSGPSAAFERHRETLRTLTRTDYRG
EDPGLAALWYQIGMVMWWNAMLGYLQAVALADANGLKAADILPHASDTVAGLPFFLRFYADRIDTGHHGGDADRLAMGTA
SVEHILHTMADSGVDTALPEAVVAFFRRGEAAGYAENSFSSMVELLKKPS
;
_entity_poly.pdbx_strand_id   A,B,C,D
#
loop_
_chem_comp.id
_chem_comp.type
_chem_comp.name
_chem_comp.formula
NDP non-polymer 'NADPH DIHYDRO-NICOTINAMIDE-ADENINE-DINUCLEOTIDE PHOSPHATE' 'C21 H30 N7 O17 P3'
Q0R non-polymer 2-[2,5-bis(fluoranyl)phenyl]pyrrolidine 'C10 H11 F2 N'
#
# COMPACT_ATOMS: atom_id res chain seq x y z
N ARG A 3 -14.93 -36.02 -9.45
CA ARG A 3 -15.70 -36.03 -10.74
C ARG A 3 -16.82 -34.99 -10.67
N PRO A 4 -16.83 -33.93 -11.53
CA PRO A 4 -17.81 -32.84 -11.38
C PRO A 4 -19.28 -33.24 -11.47
N ALA A 5 -20.02 -33.07 -10.38
CA ALA A 5 -21.45 -33.42 -10.35
C ALA A 5 -22.28 -32.45 -11.18
N PRO A 6 -23.35 -32.88 -11.88
CA PRO A 6 -24.19 -31.94 -12.60
C PRO A 6 -25.03 -31.05 -11.67
N LEU A 7 -25.49 -29.91 -12.18
CA LEU A 7 -26.25 -28.94 -11.35
C LEU A 7 -27.03 -27.97 -12.23
N THR A 8 -28.01 -27.31 -11.61
CA THR A 8 -28.79 -26.29 -12.32
C THR A 8 -28.40 -24.91 -11.79
N LEU A 9 -28.28 -23.92 -12.66
CA LEU A 9 -28.00 -22.54 -12.25
C LEU A 9 -29.12 -21.63 -12.75
N ILE A 10 -29.83 -20.98 -11.84
CA ILE A 10 -30.88 -20.00 -12.23
C ILE A 10 -30.38 -18.62 -11.80
N GLY A 11 -30.41 -17.64 -12.70
CA GLY A 11 -29.89 -16.31 -12.39
C GLY A 11 -28.58 -16.07 -13.08
N LEU A 12 -28.61 -15.41 -14.23
CA LEU A 12 -27.40 -15.25 -15.05
C LEU A 12 -27.04 -13.78 -15.20
N GLY A 13 -26.98 -13.06 -14.08
CA GLY A 13 -26.47 -11.68 -14.11
C GLY A 13 -24.96 -11.71 -14.00
N PRO A 14 -24.25 -10.61 -13.66
CA PRO A 14 -22.79 -10.67 -13.63
C PRO A 14 -22.24 -11.88 -12.83
N MET A 15 -22.85 -12.20 -11.69
CA MET A 15 -22.36 -13.29 -10.83
C MET A 15 -22.67 -14.66 -11.44
N GLY A 16 -23.91 -14.88 -11.86
CA GLY A 16 -24.32 -16.16 -12.45
C GLY A 16 -23.63 -16.52 -13.75
N GLN A 17 -23.39 -15.55 -14.62
CA GLN A 17 -22.64 -15.81 -15.87
C GLN A 17 -21.24 -16.31 -15.51
N ALA A 18 -20.60 -15.64 -14.57
CA ALA A 18 -19.25 -16.04 -14.12
C ALA A 18 -19.31 -17.42 -13.47
N MET A 19 -20.33 -17.68 -12.67
CA MET A 19 -20.47 -19.00 -12.01
C MET A 19 -20.62 -20.08 -13.08
N GLY A 20 -21.43 -19.83 -14.10
CA GLY A 20 -21.64 -20.80 -15.20
C GLY A 20 -20.37 -21.09 -15.95
N ASN A 21 -19.58 -20.05 -16.21
CA ASN A 21 -18.31 -20.23 -16.95
C ASN A 21 -17.35 -21.06 -16.09
N ALA A 22 -17.27 -20.79 -14.78
CA ALA A 22 -16.41 -21.55 -13.86
C ALA A 22 -16.84 -23.01 -13.77
N LEU A 23 -18.15 -23.25 -13.71
CA LEU A 23 -18.68 -24.64 -13.63
C LEU A 23 -18.41 -25.37 -14.94
N LEU A 24 -18.54 -24.70 -16.08
CA LEU A 24 -18.29 -25.32 -17.41
C LEU A 24 -16.79 -25.59 -17.57
N ASP A 25 -15.95 -24.80 -16.92
CA ASP A 25 -14.47 -24.97 -16.98
C ASP A 25 -14.06 -26.21 -16.20
N ARG A 26 -14.73 -26.50 -15.09
CA ARG A 26 -14.42 -27.70 -14.28
C ARG A 26 -15.06 -28.92 -14.92
N GLY A 27 -16.04 -28.71 -15.80
CA GLY A 27 -16.68 -29.83 -16.53
C GLY A 27 -17.98 -30.26 -15.92
N HIS A 28 -18.57 -29.41 -15.09
CA HIS A 28 -19.90 -29.71 -14.51
C HIS A 28 -20.96 -29.67 -15.61
N GLY A 29 -21.77 -30.72 -15.70
CA GLY A 29 -22.91 -30.66 -16.62
C GLY A 29 -23.85 -29.59 -16.14
N LEU A 30 -24.03 -28.55 -16.95
CA LEU A 30 -24.80 -27.39 -16.45
C LEU A 30 -26.14 -27.23 -17.13
N THR A 31 -27.18 -27.05 -16.34
CA THR A 31 -28.51 -26.70 -16.90
C THR A 31 -28.78 -25.28 -16.43
N VAL A 32 -29.04 -24.37 -17.35
CA VAL A 32 -29.21 -22.95 -16.98
C VAL A 32 -30.61 -22.46 -17.30
N TRP A 33 -31.07 -21.44 -16.59
CA TRP A 33 -32.35 -20.77 -16.89
C TRP A 33 -32.22 -19.30 -16.46
N ASN A 34 -32.70 -18.38 -17.28
CA ASN A 34 -32.70 -16.94 -16.91
C ASN A 34 -33.93 -16.22 -17.49
N ARG A 35 -34.53 -15.32 -16.71
CA ARG A 35 -35.70 -14.52 -17.18
C ARG A 35 -35.33 -13.87 -18.51
N THR A 36 -34.22 -13.15 -18.57
CA THR A 36 -33.75 -12.63 -19.87
C THR A 36 -33.06 -13.80 -20.58
N ALA A 37 -33.78 -14.48 -21.45
CA ALA A 37 -33.26 -15.67 -22.18
C ALA A 37 -31.91 -15.41 -22.88
N SER A 38 -31.63 -14.18 -23.29
CA SER A 38 -30.40 -13.89 -24.06
C SER A 38 -29.14 -13.96 -23.20
N ARG A 39 -29.27 -13.82 -21.87
CA ARG A 39 -28.11 -13.86 -20.95
C ARG A 39 -27.54 -15.29 -20.86
N ALA A 40 -28.22 -16.26 -21.43
CA ALA A 40 -27.75 -17.67 -21.42
C ALA A 40 -27.10 -18.06 -22.74
N ASP A 41 -27.14 -17.21 -23.78
CA ASP A 41 -26.67 -17.59 -25.13
C ASP A 41 -25.21 -18.05 -25.13
N ALA A 42 -24.31 -17.30 -24.54
CA ALA A 42 -22.88 -17.66 -24.59
C ALA A 42 -22.62 -18.97 -23.83
N LEU A 43 -23.28 -19.17 -22.70
CA LEU A 43 -23.08 -20.38 -21.88
C LEU A 43 -23.59 -21.61 -22.64
N VAL A 44 -24.74 -21.47 -23.32
CA VAL A 44 -25.33 -22.65 -24.02
C VAL A 44 -24.45 -22.99 -25.22
N GLU A 45 -23.82 -21.99 -25.83
CA GLU A 45 -22.90 -22.20 -26.97
C GLU A 45 -21.66 -22.94 -26.46
N ARG A 46 -21.32 -22.76 -25.19
CA ARG A 46 -20.16 -23.43 -24.57
C ARG A 46 -20.54 -24.83 -24.07
N GLY A 47 -21.82 -25.19 -24.12
CA GLY A 47 -22.22 -26.55 -23.73
C GLY A 47 -23.31 -26.60 -22.68
N ALA A 48 -23.66 -25.46 -22.08
CA ALA A 48 -24.76 -25.45 -21.10
C ALA A 48 -26.08 -25.84 -21.76
N VAL A 49 -26.92 -26.54 -21.03
CA VAL A 49 -28.25 -26.92 -21.57
C VAL A 49 -29.24 -25.81 -21.19
N ARG A 50 -29.91 -25.23 -22.18
CA ARG A 50 -30.96 -24.24 -21.88
C ARG A 50 -32.23 -24.98 -21.48
N ALA A 51 -32.62 -24.87 -20.23
CA ALA A 51 -33.91 -25.45 -19.81
C ALA A 51 -35.04 -24.66 -20.45
N PRO A 52 -36.11 -25.30 -20.97
CA PRO A 52 -37.17 -24.55 -21.64
C PRO A 52 -37.97 -23.66 -20.67
N ASP A 53 -37.97 -24.01 -19.39
CA ASP A 53 -38.75 -23.26 -18.37
C ASP A 53 -38.09 -23.46 -17.00
N VAL A 54 -38.47 -22.65 -16.02
CA VAL A 54 -37.88 -22.73 -14.64
C VAL A 54 -38.08 -24.13 -14.06
N ALA A 55 -39.29 -24.68 -14.20
CA ALA A 55 -39.60 -25.99 -13.58
C ALA A 55 -38.71 -27.08 -14.13
N ALA A 56 -38.40 -27.01 -15.41
CA ALA A 56 -37.56 -28.05 -16.04
C ALA A 56 -36.12 -27.90 -15.55
N ALA A 57 -35.71 -26.69 -15.20
CA ALA A 57 -34.36 -26.46 -14.66
C ALA A 57 -34.28 -27.10 -13.28
N VAL A 58 -35.29 -26.86 -12.45
CA VAL A 58 -35.30 -27.42 -11.07
C VAL A 58 -35.30 -28.94 -11.16
N ALA A 59 -36.09 -29.51 -12.08
CA ALA A 59 -36.22 -30.98 -12.21
C ALA A 59 -34.95 -31.62 -12.76
N ALA A 60 -34.15 -30.88 -13.50
CA ALA A 60 -32.95 -31.45 -14.15
C ALA A 60 -31.97 -32.00 -13.13
N ASN A 61 -31.84 -31.36 -11.96
CA ASN A 61 -30.79 -31.78 -11.01
C ASN A 61 -31.23 -31.62 -9.57
N GLU A 62 -30.57 -32.32 -8.65
CA GLU A 62 -30.87 -32.12 -7.22
C GLU A 62 -30.36 -30.75 -6.77
N LEU A 63 -29.16 -30.38 -7.22
CA LEU A 63 -28.55 -29.10 -6.81
C LEU A 63 -29.05 -27.97 -7.69
N VAL A 64 -29.72 -27.01 -7.08
CA VAL A 64 -30.21 -25.82 -7.82
C VAL A 64 -29.55 -24.58 -7.18
N VAL A 65 -28.62 -23.98 -7.89
CA VAL A 65 -27.94 -22.74 -7.39
C VAL A 65 -28.71 -21.54 -7.94
N LEU A 66 -28.98 -20.57 -7.08
CA LEU A 66 -29.73 -19.36 -7.45
C LEU A 66 -28.85 -18.13 -7.23
N SER A 67 -28.65 -17.30 -8.24
CA SER A 67 -27.92 -16.02 -8.11
C SER A 67 -28.88 -14.90 -8.50
N LEU A 68 -29.66 -14.41 -7.56
CA LEU A 68 -30.68 -13.38 -7.87
C LEU A 68 -30.49 -12.13 -7.00
N THR A 69 -31.21 -11.05 -7.30
CA THR A 69 -31.08 -9.77 -6.57
C THR A 69 -31.44 -9.93 -5.10
N ASP A 70 -32.49 -10.70 -4.82
CA ASP A 70 -32.99 -10.89 -3.43
C ASP A 70 -33.81 -12.18 -3.34
N TYR A 71 -34.44 -12.43 -2.20
CA TYR A 71 -35.20 -13.69 -1.98
C TYR A 71 -36.62 -13.58 -2.55
N ASP A 72 -37.13 -12.37 -2.77
CA ASP A 72 -38.45 -12.18 -3.40
C ASP A 72 -38.40 -12.71 -4.83
N ALA A 73 -37.26 -12.52 -5.50
CA ALA A 73 -37.06 -13.06 -6.86
C ALA A 73 -37.12 -14.58 -6.84
N MET A 74 -36.67 -15.21 -5.76
CA MET A 74 -36.74 -16.70 -5.66
C MET A 74 -38.22 -17.13 -5.66
N TYR A 75 -39.06 -16.48 -4.87
CA TYR A 75 -40.50 -16.82 -4.85
C TYR A 75 -41.09 -16.58 -6.24
N ALA A 76 -40.76 -15.46 -6.89
CA ALA A 76 -41.28 -15.13 -8.23
C ALA A 76 -40.93 -16.21 -9.26
N LEU A 77 -39.73 -16.77 -9.18
CA LEU A 77 -39.28 -17.75 -10.21
C LEU A 77 -39.67 -19.19 -9.83
N LEU A 78 -39.55 -19.57 -8.57
CA LEU A 78 -39.79 -20.98 -8.17
C LEU A 78 -41.25 -21.22 -7.75
N GLY A 79 -41.99 -20.16 -7.46
CA GLY A 79 -43.38 -20.27 -6.98
C GLY A 79 -44.31 -21.09 -7.86
N PRO A 80 -44.46 -20.82 -9.19
CA PRO A 80 -45.32 -21.66 -10.02
C PRO A 80 -45.15 -23.17 -9.84
N ALA A 81 -43.92 -23.67 -9.83
CA ALA A 81 -43.66 -25.12 -9.70
C ALA A 81 -42.97 -25.39 -8.36
N ALA A 82 -43.54 -24.86 -7.29
CA ALA A 82 -42.98 -25.06 -5.93
C ALA A 82 -43.19 -26.49 -5.45
N ASP A 83 -44.22 -27.17 -5.94
CA ASP A 83 -44.53 -28.54 -5.47
C ASP A 83 -43.50 -29.53 -6.02
N ALA A 84 -42.76 -29.13 -7.04
CA ALA A 84 -41.69 -29.99 -7.58
C ALA A 84 -40.34 -29.64 -6.95
N LEU A 85 -40.35 -29.01 -5.77
CA LEU A 85 -39.08 -28.67 -5.09
C LEU A 85 -38.70 -29.78 -4.11
N ALA A 86 -39.45 -30.88 -4.12
CA ALA A 86 -39.19 -31.99 -3.19
C ALA A 86 -37.88 -32.70 -3.52
N GLY A 87 -37.04 -32.95 -2.52
CA GLY A 87 -35.74 -33.60 -2.72
C GLY A 87 -34.67 -32.67 -3.24
N LYS A 88 -35.02 -31.42 -3.55
CA LYS A 88 -34.05 -30.49 -4.15
C LYS A 88 -33.23 -29.75 -3.08
N VAL A 89 -31.95 -29.53 -3.36
CA VAL A 89 -31.13 -28.69 -2.45
C VAL A 89 -30.96 -27.36 -3.17
N VAL A 90 -31.54 -26.30 -2.61
CA VAL A 90 -31.48 -24.96 -3.22
C VAL A 90 -30.39 -24.14 -2.53
N VAL A 91 -29.28 -23.94 -3.22
CA VAL A 91 -28.19 -23.08 -2.67
C VAL A 91 -28.46 -21.67 -3.17
N ASN A 92 -29.03 -20.85 -2.29
CA ASN A 92 -29.39 -19.46 -2.65
C ASN A 92 -28.19 -18.54 -2.37
N LEU A 93 -27.58 -18.03 -3.43
CA LEU A 93 -26.39 -17.16 -3.29
C LEU A 93 -26.83 -15.71 -3.46
N SER A 94 -28.05 -15.42 -3.03
CA SER A 94 -28.63 -14.06 -3.19
C SER A 94 -28.59 -13.32 -1.86
N SER A 95 -28.32 -12.03 -1.92
CA SER A 95 -28.33 -11.20 -0.71
C SER A 95 -29.73 -10.97 -0.19
N ASP A 96 -29.88 -10.98 1.12
CA ASP A 96 -31.13 -10.57 1.79
C ASP A 96 -30.83 -10.47 3.28
N THR A 97 -31.83 -10.07 4.05
CA THR A 97 -31.67 -9.97 5.51
C THR A 97 -31.66 -11.37 6.10
N PRO A 98 -31.00 -11.62 7.27
CA PRO A 98 -31.13 -12.92 7.92
C PRO A 98 -32.59 -13.35 8.11
N GLU A 99 -33.49 -12.40 8.37
CA GLU A 99 -34.92 -12.74 8.63
C GLU A 99 -35.59 -13.27 7.36
N LYS A 100 -35.37 -12.60 6.24
CA LYS A 100 -35.97 -13.00 4.96
C LYS A 100 -35.28 -14.27 4.43
N THR A 101 -34.04 -14.48 4.82
CA THR A 101 -33.28 -15.67 4.36
C THR A 101 -33.87 -16.87 5.11
N ARG A 102 -34.20 -16.70 6.39
CA ARG A 102 -34.86 -17.76 7.18
C ARG A 102 -36.27 -18.01 6.63
N ALA A 103 -36.96 -16.96 6.17
CA ALA A 103 -38.31 -17.11 5.59
C ALA A 103 -38.22 -17.93 4.31
N GLY A 104 -37.18 -17.72 3.50
CA GLY A 104 -36.96 -18.51 2.28
C GLY A 104 -36.68 -19.96 2.61
N ALA A 105 -35.90 -20.21 3.65
CA ALA A 105 -35.57 -21.57 4.08
C ALA A 105 -36.85 -22.31 4.52
N ARG A 106 -37.74 -21.63 5.23
CA ARG A 106 -39.01 -22.22 5.69
C ARG A 106 -39.85 -22.58 4.46
N TRP A 107 -40.02 -21.65 3.53
CA TRP A 107 -40.78 -21.89 2.29
C TRP A 107 -40.24 -23.11 1.56
N ILE A 108 -38.93 -23.15 1.31
CA ILE A 108 -38.33 -24.29 0.56
C ILE A 108 -38.61 -25.59 1.32
N ALA A 109 -38.42 -25.59 2.64
CA ALA A 109 -38.66 -26.79 3.48
C ALA A 109 -40.14 -27.22 3.44
N GLU A 110 -41.06 -26.26 3.46
CA GLU A 110 -42.51 -26.56 3.46
C GLU A 110 -42.91 -27.14 2.09
N HIS A 111 -42.06 -26.99 1.08
CA HIS A 111 -42.32 -27.54 -0.28
C HIS A 111 -41.46 -28.79 -0.51
N GLY A 112 -40.84 -29.31 0.55
CA GLY A 112 -40.10 -30.59 0.43
C GLY A 112 -38.63 -30.45 0.13
N GLY A 113 -38.13 -29.23 0.09
CA GLY A 113 -36.73 -29.02 -0.26
C GLY A 113 -35.86 -28.62 0.91
N THR A 114 -34.60 -28.33 0.61
CA THR A 114 -33.63 -27.90 1.63
C THR A 114 -32.93 -26.65 1.10
N LEU A 115 -32.98 -25.54 1.85
CA LEU A 115 -32.23 -24.32 1.43
C LEU A 115 -30.90 -24.19 2.16
N ILE A 116 -29.83 -23.97 1.41
CA ILE A 116 -28.52 -23.63 1.99
C ILE A 116 -28.33 -22.16 1.59
N ALA A 117 -28.01 -21.32 2.56
CA ALA A 117 -27.81 -19.88 2.30
C ALA A 117 -26.34 -19.60 2.00
N GLY A 118 -26.11 -18.67 1.08
CA GLY A 118 -24.75 -18.34 0.66
C GLY A 118 -24.53 -16.86 0.47
N GLY A 119 -23.39 -16.37 0.90
CA GLY A 119 -23.01 -14.96 0.71
C GLY A 119 -21.66 -14.90 0.04
N VAL A 120 -21.64 -14.64 -1.26
CA VAL A 120 -20.37 -14.65 -2.02
C VAL A 120 -19.66 -13.30 -1.83
N THR A 121 -18.47 -13.32 -1.24
CA THR A 121 -17.70 -12.10 -0.92
C THR A 121 -16.72 -11.73 -2.04
N CYS A 122 -16.97 -12.19 -3.26
CA CYS A 122 -16.07 -11.89 -4.40
C CYS A 122 -16.87 -11.24 -5.53
N PRO A 123 -16.26 -10.38 -6.39
CA PRO A 123 -16.94 -9.88 -7.57
C PRO A 123 -17.03 -10.99 -8.63
N PRO A 124 -17.73 -10.82 -9.78
CA PRO A 124 -17.73 -11.86 -10.81
C PRO A 124 -16.33 -12.31 -11.24
N SER A 125 -15.40 -11.38 -11.38
CA SER A 125 -14.00 -11.67 -11.80
C SER A 125 -13.33 -12.64 -10.83
N GLY A 126 -13.81 -12.69 -9.60
CA GLY A 126 -13.23 -13.59 -8.58
C GLY A 126 -13.84 -14.98 -8.55
N ILE A 127 -14.99 -15.19 -9.17
CA ILE A 127 -15.55 -16.57 -9.22
C ILE A 127 -14.53 -17.50 -9.90
N GLY A 128 -14.24 -18.65 -9.29
CA GLY A 128 -13.32 -19.63 -9.86
C GLY A 128 -11.90 -19.43 -9.36
N SER A 129 -11.65 -18.27 -8.76
CA SER A 129 -10.30 -17.96 -8.24
C SER A 129 -10.11 -18.60 -6.87
N PRO A 130 -8.92 -19.17 -6.56
CA PRO A 130 -8.66 -19.78 -5.26
C PRO A 130 -8.73 -18.80 -4.08
N GLU A 131 -8.56 -17.51 -4.33
CA GLU A 131 -8.51 -16.49 -3.24
C GLU A 131 -9.91 -16.09 -2.81
N SER A 132 -10.91 -16.43 -3.63
CA SER A 132 -12.29 -16.02 -3.38
C SER A 132 -12.95 -16.91 -2.33
N SER A 133 -13.86 -16.35 -1.56
CA SER A 133 -14.58 -17.13 -0.52
C SER A 133 -16.07 -16.79 -0.49
N ALA A 134 -16.86 -17.66 0.10
CA ALA A 134 -18.31 -17.42 0.28
C ALA A 134 -18.74 -17.92 1.66
N PHE A 135 -19.61 -17.17 2.32
CA PHE A 135 -20.20 -17.63 3.59
C PHE A 135 -21.30 -18.64 3.28
N TYR A 136 -21.39 -19.69 4.08
CA TYR A 136 -22.44 -20.70 3.89
C TYR A 136 -23.09 -21.04 5.22
N SER A 137 -24.41 -21.13 5.20
CA SER A 137 -25.17 -21.48 6.43
C SER A 137 -26.38 -22.32 6.04
N GLY A 138 -26.93 -23.04 7.00
CA GLY A 138 -28.03 -23.95 6.69
C GLY A 138 -27.73 -25.39 6.99
N PRO A 139 -28.66 -26.36 6.71
CA PRO A 139 -28.45 -27.76 7.07
C PRO A 139 -27.06 -28.34 6.73
N SER A 140 -26.33 -28.79 7.74
CA SER A 140 -24.94 -29.29 7.53
C SER A 140 -24.89 -30.43 6.51
N ALA A 141 -25.63 -31.52 6.70
CA ALA A 141 -25.54 -32.69 5.80
C ALA A 141 -25.75 -32.33 4.33
N ALA A 142 -26.73 -31.49 4.01
CA ALA A 142 -27.01 -31.13 2.59
C ALA A 142 -25.87 -30.27 2.05
N PHE A 143 -25.33 -29.37 2.87
CA PHE A 143 -24.18 -28.55 2.45
C PHE A 143 -22.98 -29.45 2.22
N GLU A 144 -22.69 -30.35 3.16
CA GLU A 144 -21.53 -31.26 3.05
C GLU A 144 -21.64 -32.11 1.78
N ARG A 145 -22.86 -32.50 1.41
CA ARG A 145 -23.08 -33.34 0.20
C ARG A 145 -22.74 -32.55 -1.07
N HIS A 146 -22.96 -31.23 -1.07
CA HIS A 146 -22.79 -30.44 -2.31
C HIS A 146 -21.60 -29.47 -2.20
N ARG A 147 -20.78 -29.59 -1.16
CA ARG A 147 -19.65 -28.67 -0.90
C ARG A 147 -18.63 -28.72 -2.03
N GLU A 148 -18.31 -29.90 -2.54
CA GLU A 148 -17.27 -30.08 -3.58
C GLU A 148 -17.65 -29.32 -4.86
N THR A 149 -18.92 -29.38 -5.24
CA THR A 149 -19.38 -28.58 -6.41
C THR A 149 -19.22 -27.10 -6.08
N LEU A 150 -19.58 -26.69 -4.86
CA LEU A 150 -19.53 -25.26 -4.47
C LEU A 150 -18.07 -24.77 -4.40
N ARG A 151 -17.12 -25.68 -4.26
CA ARG A 151 -15.67 -25.30 -4.22
C ARG A 151 -15.21 -24.83 -5.60
N THR A 152 -15.94 -25.17 -6.66
CA THR A 152 -15.62 -24.70 -8.04
C THR A 152 -15.83 -23.19 -8.11
N LEU A 153 -16.84 -22.68 -7.42
CA LEU A 153 -17.17 -21.25 -7.48
C LEU A 153 -16.21 -20.47 -6.58
N THR A 154 -16.12 -20.84 -5.31
CA THR A 154 -15.29 -20.13 -4.31
C THR A 154 -14.92 -21.07 -3.18
N ARG A 155 -14.05 -20.63 -2.29
CA ARG A 155 -13.81 -21.44 -1.08
C ARG A 155 -15.06 -21.35 -0.20
N THR A 156 -15.34 -22.41 0.53
CA THR A 156 -16.56 -22.48 1.37
C THR A 156 -16.24 -22.17 2.82
N ASP A 157 -16.99 -21.24 3.42
CA ASP A 157 -16.82 -20.88 4.85
C ASP A 157 -18.15 -21.13 5.57
N TYR A 158 -18.27 -22.28 6.24
CA TYR A 158 -19.51 -22.66 6.95
C TYR A 158 -19.63 -21.89 8.26
N ARG A 159 -20.76 -21.21 8.44
CA ARG A 159 -20.95 -20.34 9.62
C ARG A 159 -21.95 -20.97 10.60
N GLY A 160 -22.69 -21.98 10.17
CA GLY A 160 -23.59 -22.68 11.10
C GLY A 160 -24.87 -23.20 10.47
N GLU A 161 -25.73 -23.80 11.29
CA GLU A 161 -26.98 -24.42 10.79
C GLU A 161 -28.05 -23.36 10.49
N ASP A 162 -27.98 -22.20 11.14
CA ASP A 162 -29.02 -21.18 10.92
C ASP A 162 -28.81 -20.54 9.54
N PRO A 163 -29.81 -20.55 8.61
CA PRO A 163 -29.66 -19.91 7.29
C PRO A 163 -29.38 -18.40 7.37
N GLY A 164 -29.81 -17.76 8.46
CA GLY A 164 -29.57 -16.32 8.62
C GLY A 164 -28.10 -15.97 8.82
N LEU A 165 -27.25 -16.93 9.17
CA LEU A 165 -25.84 -16.62 9.52
C LEU A 165 -25.03 -16.11 8.31
N ALA A 166 -25.16 -16.77 7.16
CA ALA A 166 -24.41 -16.37 5.96
C ALA A 166 -24.80 -14.94 5.55
N ALA A 167 -26.07 -14.59 5.69
CA ALA A 167 -26.57 -13.25 5.34
C ALA A 167 -26.06 -12.19 6.32
N LEU A 168 -26.02 -12.50 7.62
CA LEU A 168 -25.50 -11.55 8.64
C LEU A 168 -24.03 -11.23 8.33
N TRP A 169 -23.23 -12.26 8.12
CA TRP A 169 -21.78 -12.06 7.86
C TRP A 169 -21.59 -11.30 6.53
N TYR A 170 -22.45 -11.55 5.55
CA TYR A 170 -22.38 -10.79 4.28
C TYR A 170 -22.69 -9.32 4.55
N GLN A 171 -23.74 -9.04 5.31
CA GLN A 171 -24.16 -7.64 5.58
C GLN A 171 -23.09 -6.92 6.42
N ILE A 172 -22.43 -7.61 7.34
CA ILE A 172 -21.37 -7.01 8.20
C ILE A 172 -20.25 -6.49 7.31
N GLY A 173 -19.87 -7.25 6.28
CA GLY A 173 -18.84 -6.80 5.35
C GLY A 173 -19.34 -5.78 4.36
N MET A 174 -20.58 -5.89 3.90
CA MET A 174 -21.10 -4.98 2.86
C MET A 174 -21.39 -3.57 3.40
N VAL A 175 -21.72 -3.43 4.69
CA VAL A 175 -21.88 -2.06 5.28
C VAL A 175 -20.51 -1.35 5.23
N MET A 176 -19.42 -2.08 5.42
CA MET A 176 -18.07 -1.50 5.33
C MET A 176 -17.74 -1.21 3.86
N TRP A 177 -17.95 -2.19 2.97
CA TRP A 177 -17.63 -2.05 1.54
C TRP A 177 -18.38 -0.87 0.91
N TRP A 178 -19.70 -0.82 1.05
CA TRP A 178 -20.53 0.22 0.39
C TRP A 178 -20.14 1.61 0.94
N ASN A 179 -19.94 1.74 2.24
CA ASN A 179 -19.61 3.05 2.85
C ASN A 179 -18.25 3.52 2.36
N ALA A 180 -17.27 2.61 2.31
CA ALA A 180 -15.94 2.94 1.78
C ALA A 180 -16.04 3.35 0.30
N MET A 181 -16.82 2.63 -0.51
CA MET A 181 -16.93 2.91 -1.96
C MET A 181 -17.73 4.20 -2.21
N LEU A 182 -18.71 4.52 -1.36
CA LEU A 182 -19.45 5.80 -1.48
C LEU A 182 -18.49 6.95 -1.14
N GLY A 183 -17.60 6.76 -0.17
CA GLY A 183 -16.56 7.76 0.12
C GLY A 183 -15.64 7.97 -1.07
N TYR A 184 -15.30 6.91 -1.79
CA TYR A 184 -14.47 7.03 -3.01
C TYR A 184 -15.21 7.84 -4.07
N LEU A 185 -16.47 7.53 -4.30
CA LEU A 185 -17.28 8.25 -5.30
C LEU A 185 -17.36 9.74 -4.90
N GLN A 186 -17.41 10.04 -3.62
CA GLN A 186 -17.45 11.43 -3.12
C GLN A 186 -16.09 12.09 -3.32
N ALA A 187 -15.01 11.35 -3.09
CA ALA A 187 -13.64 11.88 -3.32
C ALA A 187 -13.42 12.15 -4.81
N VAL A 188 -13.89 11.26 -5.67
CA VAL A 188 -13.75 11.44 -7.15
C VAL A 188 -14.52 12.68 -7.60
N ALA A 189 -15.72 12.89 -7.06
CA ALA A 189 -16.52 14.08 -7.38
C ALA A 189 -15.82 15.37 -6.92
N LEU A 190 -15.29 15.38 -5.69
CA LEU A 190 -14.55 16.56 -5.18
C LEU A 190 -13.35 16.80 -6.10
N ALA A 191 -12.64 15.74 -6.43
CA ALA A 191 -11.50 15.83 -7.36
C ALA A 191 -11.93 16.42 -8.71
N ASP A 192 -13.01 15.92 -9.31
CA ASP A 192 -13.51 16.41 -10.62
C ASP A 192 -13.74 17.92 -10.57
N ALA A 193 -14.35 18.41 -9.51
CA ALA A 193 -14.66 19.84 -9.37
C ALA A 193 -13.38 20.67 -9.23
N ASN A 194 -12.24 20.01 -9.03
CA ASN A 194 -10.95 20.71 -8.82
C ASN A 194 -9.92 20.27 -9.88
N GLY A 195 -10.38 19.84 -11.05
CA GLY A 195 -9.49 19.49 -12.17
C GLY A 195 -8.75 18.18 -12.02
N LEU A 196 -9.14 17.35 -11.06
CA LEU A 196 -8.41 16.09 -10.78
C LEU A 196 -9.28 14.91 -11.20
N LYS A 197 -8.69 13.96 -11.88
CA LYS A 197 -9.43 12.75 -12.30
C LYS A 197 -9.27 11.68 -11.21
N ALA A 198 -10.02 10.60 -11.35
CA ALA A 198 -9.91 9.48 -10.40
C ALA A 198 -8.49 8.91 -10.46
N ALA A 199 -7.90 8.85 -11.63
CA ALA A 199 -6.51 8.37 -11.80
C ALA A 199 -5.54 9.25 -11.01
N ASP A 200 -5.81 10.55 -10.96
CA ASP A 200 -4.92 11.49 -10.23
C ASP A 200 -5.00 11.22 -8.73
N ILE A 201 -6.15 10.79 -8.22
CA ILE A 201 -6.33 10.59 -6.75
C ILE A 201 -6.17 9.11 -6.38
N LEU A 202 -6.08 8.22 -7.36
CA LEU A 202 -5.98 6.75 -7.12
C LEU A 202 -4.85 6.43 -6.12
N PRO A 203 -3.56 6.86 -6.27
CA PRO A 203 -2.53 6.50 -5.29
C PRO A 203 -2.89 6.89 -3.86
N HIS A 204 -3.37 8.12 -3.66
CA HIS A 204 -3.78 8.57 -2.31
C HIS A 204 -4.98 7.78 -1.80
N ALA A 205 -5.95 7.53 -2.67
CA ALA A 205 -7.17 6.79 -2.27
C ALA A 205 -6.77 5.37 -1.88
N SER A 206 -5.85 4.76 -2.62
CA SER A 206 -5.38 3.39 -2.33
C SER A 206 -4.58 3.37 -1.03
N ASP A 207 -3.74 4.38 -0.79
CA ASP A 207 -2.99 4.48 0.48
C ASP A 207 -3.97 4.64 1.65
N THR A 208 -5.01 5.45 1.46
CA THR A 208 -5.99 5.70 2.54
C THR A 208 -6.63 4.37 2.96
N VAL A 209 -7.07 3.56 2.00
CA VAL A 209 -7.79 2.28 2.33
C VAL A 209 -6.80 1.21 2.78
N ALA A 210 -5.54 1.27 2.33
CA ALA A 210 -4.54 0.24 2.68
C ALA A 210 -4.06 0.43 4.13
N GLY A 211 -4.24 1.61 4.70
CA GLY A 211 -3.88 1.82 6.11
C GLY A 211 -5.03 1.55 7.06
N LEU A 212 -6.23 1.32 6.53
CA LEU A 212 -7.45 1.07 7.37
C LEU A 212 -7.31 -0.14 8.29
N PRO A 213 -6.69 -1.31 7.93
CA PRO A 213 -6.57 -2.41 8.90
C PRO A 213 -5.91 -2.01 10.21
N PHE A 214 -4.94 -1.07 10.19
CA PHE A 214 -4.33 -0.58 11.44
C PHE A 214 -5.40 -0.01 12.37
N PHE A 215 -6.30 0.80 11.83
CA PHE A 215 -7.36 1.43 12.66
C PHE A 215 -8.41 0.39 13.06
N LEU A 216 -8.67 -0.59 12.20
CA LEU A 216 -9.63 -1.66 12.56
C LEU A 216 -9.16 -2.38 13.82
N ARG A 217 -7.89 -2.77 13.90
CA ARG A 217 -7.33 -3.42 15.12
C ARG A 217 -7.30 -2.44 16.28
N PHE A 218 -6.70 -1.26 16.08
CA PHE A 218 -6.63 -0.23 17.13
C PHE A 218 -7.99 -0.05 17.79
N TYR A 219 -9.04 0.13 17.01
CA TYR A 219 -10.36 0.43 17.62
C TYR A 219 -11.08 -0.84 18.09
N ALA A 220 -10.89 -1.99 17.44
CA ALA A 220 -11.49 -3.27 17.90
C ALA A 220 -11.13 -3.51 19.36
N ASP A 221 -9.84 -3.57 19.66
CA ASP A 221 -9.35 -3.80 21.04
C ASP A 221 -10.03 -2.82 21.97
N ARG A 222 -10.04 -1.54 21.62
CA ARG A 222 -10.60 -0.50 22.53
C ARG A 222 -12.11 -0.64 22.68
N ILE A 223 -12.87 -0.73 21.59
CA ILE A 223 -14.34 -0.83 21.63
C ILE A 223 -14.76 -2.02 22.50
N ASP A 224 -14.07 -3.15 22.34
CA ASP A 224 -14.41 -4.39 23.09
C ASP A 224 -14.13 -4.22 24.58
N THR A 225 -13.03 -3.55 24.93
CA THR A 225 -12.66 -3.31 26.35
C THR A 225 -13.42 -2.09 26.89
N GLY A 226 -14.20 -1.42 26.04
CA GLY A 226 -14.97 -0.24 26.47
C GLY A 226 -14.13 1.03 26.55
N HIS A 227 -12.89 0.96 26.07
CA HIS A 227 -11.99 2.14 26.08
C HIS A 227 -12.32 3.10 24.93
N HIS A 228 -12.90 4.26 25.24
CA HIS A 228 -13.24 5.28 24.23
C HIS A 228 -12.52 6.59 24.59
N GLY A 229 -11.30 6.49 25.09
CA GLY A 229 -10.52 7.68 25.46
C GLY A 229 -10.07 8.50 24.27
N GLY A 230 -9.93 9.81 24.46
CA GLY A 230 -9.48 10.71 23.39
C GLY A 230 -7.97 10.82 23.30
N ASP A 231 -7.27 9.71 23.51
CA ASP A 231 -5.78 9.77 23.54
C ASP A 231 -5.20 9.89 22.14
N ALA A 232 -5.80 9.24 21.15
CA ALA A 232 -5.33 9.34 19.75
C ALA A 232 -6.23 10.29 18.97
N ASP A 233 -7.47 10.45 19.41
CA ASP A 233 -8.42 11.31 18.69
C ASP A 233 -9.55 11.78 19.61
N ARG A 234 -10.04 12.98 19.37
CA ARG A 234 -11.21 13.49 20.11
C ARG A 234 -12.34 13.70 19.12
N LEU A 235 -13.56 13.38 19.52
CA LEU A 235 -14.72 13.48 18.61
C LEU A 235 -14.86 14.91 18.10
N ALA A 236 -14.59 15.91 18.92
CA ALA A 236 -14.74 17.33 18.51
C ALA A 236 -13.83 17.65 17.32
N MET A 237 -12.62 17.09 17.32
CA MET A 237 -11.70 17.25 16.18
C MET A 237 -12.34 16.58 14.95
N GLY A 238 -12.94 15.41 15.13
CA GLY A 238 -13.59 14.70 14.02
C GLY A 238 -14.79 15.43 13.49
N THR A 239 -15.57 16.05 14.38
CA THR A 239 -16.75 16.85 13.97
C THR A 239 -16.26 18.00 13.09
N ALA A 240 -15.15 18.62 13.46
CA ALA A 240 -14.57 19.70 12.65
C ALA A 240 -14.13 19.11 11.31
N SER A 241 -13.40 18.01 11.33
CA SER A 241 -12.94 17.33 10.08
C SER A 241 -14.11 17.06 9.13
N VAL A 242 -15.22 16.54 9.65
CA VAL A 242 -16.36 16.17 8.78
C VAL A 242 -17.10 17.44 8.33
N GLU A 243 -17.09 18.48 9.17
CA GLU A 243 -17.66 19.78 8.73
C GLU A 243 -16.78 20.34 7.62
N HIS A 244 -15.46 20.17 7.76
CA HIS A 244 -14.52 20.62 6.71
C HIS A 244 -14.84 19.89 5.41
N ILE A 245 -15.10 18.59 5.47
CA ILE A 245 -15.48 17.81 4.26
C ILE A 245 -16.75 18.40 3.65
N LEU A 246 -17.80 18.56 4.47
CA LEU A 246 -19.10 19.07 3.98
C LEU A 246 -18.88 20.43 3.30
N HIS A 247 -18.20 21.34 3.97
CA HIS A 247 -18.04 22.72 3.43
C HIS A 247 -17.12 22.71 2.22
N THR A 248 -16.09 21.85 2.20
CA THR A 248 -15.19 21.72 1.03
C THR A 248 -16.00 21.27 -0.20
N MET A 249 -16.91 20.33 -0.01
CA MET A 249 -17.73 19.82 -1.12
C MET A 249 -18.75 20.88 -1.57
N ALA A 250 -19.42 21.54 -0.63
CA ALA A 250 -20.38 22.61 -0.97
C ALA A 250 -19.67 23.76 -1.69
N ASP A 251 -18.50 24.16 -1.22
CA ASP A 251 -17.70 25.22 -1.88
C ASP A 251 -17.34 24.80 -3.31
N SER A 252 -17.14 23.51 -3.53
CA SER A 252 -16.73 22.99 -4.86
C SER A 252 -17.98 22.62 -5.69
N GLY A 253 -19.18 22.86 -5.16
CA GLY A 253 -20.43 22.59 -5.87
C GLY A 253 -20.79 21.11 -5.92
N VAL A 254 -20.28 20.33 -4.99
CA VAL A 254 -20.51 18.87 -4.97
C VAL A 254 -21.70 18.56 -4.07
N ASP A 255 -22.51 17.55 -4.43
CA ASP A 255 -23.67 17.12 -3.62
C ASP A 255 -23.26 16.89 -2.16
N THR A 256 -24.07 17.39 -1.24
CA THR A 256 -23.72 17.33 0.19
C THR A 256 -24.65 16.44 1.02
N ALA A 257 -25.53 15.68 0.42
CA ALA A 257 -26.50 14.89 1.22
C ALA A 257 -25.79 13.88 2.13
N LEU A 258 -24.82 13.14 1.59
CA LEU A 258 -24.09 12.12 2.37
C LEU A 258 -23.19 12.78 3.43
N PRO A 259 -22.37 13.84 3.17
CA PRO A 259 -21.61 14.48 4.25
C PRO A 259 -22.50 15.17 5.30
N GLU A 260 -23.71 15.56 4.94
CA GLU A 260 -24.64 16.18 5.91
C GLU A 260 -25.06 15.13 6.93
N ALA A 261 -25.27 13.88 6.48
CA ALA A 261 -25.65 12.78 7.39
C ALA A 261 -24.49 12.46 8.32
N VAL A 262 -23.28 12.47 7.79
CA VAL A 262 -22.07 12.23 8.62
C VAL A 262 -21.97 13.32 9.70
N VAL A 263 -22.12 14.58 9.31
CA VAL A 263 -22.05 15.72 10.27
C VAL A 263 -23.17 15.55 11.30
N ALA A 264 -24.37 15.20 10.88
CA ALA A 264 -25.50 14.97 11.81
C ALA A 264 -25.14 13.89 12.84
N PHE A 265 -24.41 12.86 12.43
CA PHE A 265 -24.05 11.76 13.34
C PHE A 265 -23.06 12.24 14.40
N PHE A 266 -22.05 13.01 13.98
CA PHE A 266 -21.02 13.53 14.91
C PHE A 266 -21.64 14.53 15.87
N ARG A 267 -22.65 15.26 15.42
CA ARG A 267 -23.34 16.27 16.27
C ARG A 267 -24.16 15.54 17.33
N ARG A 268 -24.68 14.37 17.01
CA ARG A 268 -25.45 13.58 18.01
C ARG A 268 -24.47 13.05 19.05
N GLY A 269 -23.23 12.80 18.65
CA GLY A 269 -22.20 12.31 19.59
C GLY A 269 -21.81 13.40 20.58
N GLU A 270 -21.74 14.64 20.13
CA GLU A 270 -21.38 15.78 21.01
C GLU A 270 -22.56 16.05 21.94
N ALA A 271 -23.78 15.93 21.43
CA ALA A 271 -25.00 16.13 22.24
C ALA A 271 -25.13 15.01 23.28
N ALA A 272 -24.34 13.95 23.15
CA ALA A 272 -24.36 12.85 24.13
C ALA A 272 -23.21 13.02 25.12
N GLY A 273 -22.36 14.04 24.92
CA GLY A 273 -21.25 14.33 25.85
C GLY A 273 -19.97 13.64 25.48
N TYR A 274 -19.79 13.32 24.21
CA TYR A 274 -18.60 12.51 23.82
C TYR A 274 -17.51 13.34 23.15
N ALA A 275 -17.56 14.67 23.25
CA ALA A 275 -16.60 15.55 22.55
C ALA A 275 -15.15 15.22 22.86
N GLU A 276 -14.83 14.94 24.13
CA GLU A 276 -13.42 14.69 24.53
C GLU A 276 -13.09 13.21 24.40
N ASN A 277 -14.08 12.40 24.04
CA ASN A 277 -13.85 10.95 23.86
C ASN A 277 -13.44 10.67 22.42
N SER A 278 -13.08 9.44 22.11
CA SER A 278 -12.80 9.08 20.70
C SER A 278 -14.10 9.07 19.91
N PHE A 279 -14.02 9.16 18.58
CA PHE A 279 -15.22 9.03 17.72
C PHE A 279 -15.78 7.62 17.92
N SER A 280 -14.95 6.67 18.35
CA SER A 280 -15.38 5.29 18.62
C SER A 280 -16.53 5.26 19.61
N SER A 281 -16.63 6.26 20.48
CA SER A 281 -17.71 6.38 21.48
C SER A 281 -19.08 6.29 20.81
N MET A 282 -19.15 6.60 19.51
CA MET A 282 -20.47 6.65 18.83
C MET A 282 -20.97 5.25 18.47
N VAL A 283 -20.18 4.21 18.76
CA VAL A 283 -20.68 2.83 18.56
C VAL A 283 -21.79 2.62 19.58
N GLU A 284 -21.79 3.42 20.66
CA GLU A 284 -22.83 3.32 21.71
C GLU A 284 -24.13 3.94 21.20
N LEU A 285 -24.04 5.02 20.41
CA LEU A 285 -25.24 5.63 19.79
C LEU A 285 -25.83 4.65 18.80
N LEU A 286 -24.99 3.83 18.18
CA LEU A 286 -25.46 2.88 17.15
C LEU A 286 -26.15 1.69 17.81
N LYS A 287 -25.63 1.20 18.94
CA LYS A 287 -26.25 0.05 19.65
C LYS A 287 -27.63 0.46 20.19
N LYS A 288 -27.99 1.74 20.11
CA LYS A 288 -29.32 2.24 20.54
C LYS A 288 -30.28 2.31 19.35
N PRO A 289 -31.50 1.75 19.45
CA PRO A 289 -32.48 1.76 18.35
C PRO A 289 -32.86 3.16 17.87
N SER B 2 23.72 20.19 8.28
CA SER B 2 24.52 19.78 9.46
C SER B 2 23.63 19.36 10.64
N ARG B 3 22.96 20.30 11.30
CA ARG B 3 22.23 19.94 12.54
C ARG B 3 20.73 20.23 12.40
N PRO B 4 19.82 19.31 12.84
CA PRO B 4 18.41 19.62 12.89
C PRO B 4 18.17 21.06 13.35
N ALA B 5 17.31 21.79 12.62
CA ALA B 5 17.08 23.22 12.91
C ALA B 5 16.13 23.42 14.09
N PRO B 6 16.20 24.53 14.85
CA PRO B 6 15.22 24.77 15.90
C PRO B 6 13.88 25.22 15.33
N LEU B 7 12.82 25.09 16.12
CA LEU B 7 11.47 25.46 15.65
C LEU B 7 10.51 25.62 16.83
N THR B 8 9.41 26.31 16.60
CA THR B 8 8.36 26.44 17.63
C THR B 8 7.19 25.53 17.24
N LEU B 9 6.58 24.85 18.22
CA LEU B 9 5.39 24.01 17.97
C LEU B 9 4.27 24.50 18.87
N ILE B 10 3.18 24.98 18.29
CA ILE B 10 2.00 25.43 19.08
C ILE B 10 0.85 24.46 18.76
N GLY B 11 0.29 23.84 19.79
CA GLY B 11 -0.76 22.83 19.58
C GLY B 11 -0.27 21.49 20.07
N LEU B 12 -0.55 21.14 21.32
CA LEU B 12 0.04 19.91 21.89
C LEU B 12 -1.02 18.84 22.17
N GLY B 13 -2.00 18.72 21.27
CA GLY B 13 -2.98 17.62 21.39
C GLY B 13 -2.37 16.32 20.86
N PRO B 14 -3.17 15.25 20.59
CA PRO B 14 -2.59 13.97 20.18
C PRO B 14 -1.49 14.10 19.11
N MET B 15 -1.73 14.88 18.06
CA MET B 15 -0.74 15.03 16.95
C MET B 15 0.47 15.84 17.40
N GLY B 16 0.26 17.03 17.97
CA GLY B 16 1.36 17.89 18.42
C GLY B 16 2.28 17.22 19.42
N GLN B 17 1.73 16.44 20.34
CA GLN B 17 2.53 15.70 21.35
C GLN B 17 3.47 14.76 20.63
N ALA B 18 2.95 14.00 19.68
CA ALA B 18 3.75 13.05 18.89
C ALA B 18 4.78 13.80 18.04
N MET B 19 4.42 14.94 17.48
CA MET B 19 5.36 15.74 16.64
C MET B 19 6.52 16.21 17.51
N GLY B 20 6.22 16.77 18.68
CA GLY B 20 7.27 17.26 19.60
C GLY B 20 8.22 16.15 19.99
N ASN B 21 7.68 14.97 20.26
CA ASN B 21 8.52 13.83 20.64
C ASN B 21 9.46 13.48 19.49
N ALA B 22 8.93 13.41 18.27
CA ALA B 22 9.76 13.02 17.11
C ALA B 22 10.81 14.11 16.83
N LEU B 23 10.46 15.38 17.03
CA LEU B 23 11.40 16.50 16.77
C LEU B 23 12.52 16.45 17.80
N LEU B 24 12.21 16.14 19.05
CA LEU B 24 13.25 16.01 20.10
C LEU B 24 14.08 14.76 19.84
N ASP B 25 13.41 13.65 19.51
CA ASP B 25 14.12 12.37 19.21
C ASP B 25 15.19 12.60 18.14
N ARG B 26 14.98 13.55 17.23
CA ARG B 26 15.91 13.78 16.11
C ARG B 26 17.01 14.77 16.53
N GLY B 27 16.70 15.68 17.46
CA GLY B 27 17.70 16.64 17.96
C GLY B 27 17.37 18.08 17.60
N HIS B 28 16.09 18.37 17.38
CA HIS B 28 15.66 19.74 17.06
C HIS B 28 15.49 20.54 18.35
N GLY B 29 15.89 21.82 18.33
CA GLY B 29 15.64 22.70 19.49
C GLY B 29 14.19 23.04 19.50
N LEU B 30 13.44 22.51 20.44
CA LEU B 30 11.98 22.68 20.38
C LEU B 30 11.45 23.66 21.43
N THR B 31 10.77 24.69 20.97
CA THR B 31 10.11 25.59 21.91
C THR B 31 8.62 25.25 21.78
N VAL B 32 7.94 25.01 22.90
CA VAL B 32 6.53 24.57 22.80
C VAL B 32 5.59 25.54 23.51
N TRP B 33 4.32 25.51 23.12
CA TRP B 33 3.27 26.29 23.82
C TRP B 33 1.92 25.61 23.57
N ASN B 34 1.11 25.49 24.63
CA ASN B 34 -0.26 24.93 24.49
C ASN B 34 -1.20 25.63 25.45
N ARG B 35 -2.48 25.74 25.09
CA ARG B 35 -3.50 26.36 25.98
C ARG B 35 -3.55 25.58 27.29
N THR B 36 -3.69 24.26 27.21
CA THR B 36 -3.63 23.44 28.43
C THR B 36 -2.15 23.16 28.69
N ALA B 37 -1.52 24.00 29.51
CA ALA B 37 -0.07 23.89 29.77
C ALA B 37 0.32 22.50 30.25
N SER B 38 -0.54 21.78 30.94
CA SER B 38 -0.21 20.41 31.39
C SER B 38 0.32 19.54 30.25
N ARG B 39 -0.10 19.77 29.01
CA ARG B 39 0.25 18.83 27.90
C ARG B 39 1.70 19.03 27.45
N ALA B 40 2.36 20.10 27.89
CA ALA B 40 3.78 20.25 27.55
C ALA B 40 4.68 19.62 28.62
N ASP B 41 4.14 19.22 29.77
CA ASP B 41 5.01 18.77 30.89
C ASP B 41 6.07 17.77 30.43
N ALA B 42 5.66 16.65 29.83
CA ALA B 42 6.64 15.60 29.45
C ALA B 42 7.62 16.13 28.42
N LEU B 43 7.14 16.93 27.47
CA LEU B 43 8.02 17.45 26.39
C LEU B 43 9.07 18.38 27.01
N VAL B 44 8.67 19.20 27.99
CA VAL B 44 9.62 20.11 28.69
C VAL B 44 10.60 19.27 29.50
N GLU B 45 10.12 18.23 30.18
CA GLU B 45 11.02 17.31 30.91
C GLU B 45 12.05 16.73 29.95
N ARG B 46 11.65 16.44 28.70
CA ARG B 46 12.55 15.76 27.75
C ARG B 46 13.61 16.73 27.21
N GLY B 47 13.43 18.02 27.45
CA GLY B 47 14.44 19.00 27.01
C GLY B 47 13.85 20.18 26.26
N ALA B 48 12.52 20.30 26.21
CA ALA B 48 11.92 21.39 25.40
C ALA B 48 11.79 22.68 26.19
N VAL B 49 11.78 23.81 25.49
CA VAL B 49 11.63 25.14 26.16
C VAL B 49 10.15 25.50 26.21
N ARG B 50 9.61 25.67 27.40
CA ARG B 50 8.20 26.12 27.51
C ARG B 50 8.17 27.63 27.27
N ALA B 51 7.54 28.05 26.19
CA ALA B 51 7.38 29.48 25.93
C ALA B 51 6.41 30.05 26.95
N PRO B 52 6.60 31.29 27.49
CA PRO B 52 5.64 31.79 28.45
C PRO B 52 4.25 32.22 27.92
N ASP B 53 4.14 32.62 26.65
CA ASP B 53 2.84 33.21 26.21
C ASP B 53 2.57 33.31 24.71
N VAL B 54 2.73 32.25 23.91
CA VAL B 54 2.37 32.26 22.45
C VAL B 54 3.24 33.26 21.69
N ALA B 55 3.12 34.55 22.00
CA ALA B 55 4.02 35.55 21.39
C ALA B 55 5.48 35.13 21.57
N ALA B 56 5.92 34.90 22.79
CA ALA B 56 7.31 34.44 22.96
C ALA B 56 7.61 33.23 22.08
N ALA B 57 6.66 32.33 21.89
CA ALA B 57 6.88 31.14 21.05
C ALA B 57 7.06 31.55 19.59
N VAL B 58 6.20 32.42 19.08
CA VAL B 58 6.35 32.90 17.68
C VAL B 58 7.74 33.57 17.55
N ALA B 59 8.12 34.42 18.49
CA ALA B 59 9.42 35.13 18.43
C ALA B 59 10.61 34.18 18.59
N ALA B 60 10.41 33.02 19.19
CA ALA B 60 11.54 32.11 19.46
C ALA B 60 12.23 31.64 18.18
N ASN B 61 11.47 31.43 17.10
CA ASN B 61 12.05 30.87 15.86
C ASN B 61 11.36 31.40 14.61
N GLU B 62 12.01 31.28 13.45
CA GLU B 62 11.36 31.65 12.18
C GLU B 62 10.26 30.62 11.86
N LEU B 63 10.53 29.35 12.14
CA LEU B 63 9.57 28.26 11.83
C LEU B 63 8.59 28.03 12.99
N VAL B 64 7.32 28.31 12.73
CA VAL B 64 6.26 28.08 13.75
C VAL B 64 5.33 27.00 13.18
N VAL B 65 5.26 25.83 13.80
CA VAL B 65 4.36 24.74 13.35
C VAL B 65 3.11 24.70 14.25
N LEU B 66 1.94 24.72 13.63
CA LEU B 66 0.67 24.71 14.38
C LEU B 66 -0.06 23.37 14.18
N SER B 67 -0.49 22.74 15.27
CA SER B 67 -1.34 21.51 15.20
C SER B 67 -2.61 21.81 15.98
N LEU B 68 -3.56 22.50 15.35
CA LEU B 68 -4.81 22.91 16.02
C LEU B 68 -6.04 22.29 15.34
N THR B 69 -7.21 22.36 15.97
CA THR B 69 -8.44 21.71 15.44
C THR B 69 -8.84 22.31 14.09
N ASP B 70 -8.66 23.61 13.94
CA ASP B 70 -9.06 24.30 12.70
C ASP B 70 -8.25 25.60 12.53
N TYR B 71 -8.55 26.36 11.49
CA TYR B 71 -7.80 27.60 11.19
C TYR B 71 -8.32 28.73 12.09
N ASP B 72 -9.55 28.64 12.57
CA ASP B 72 -10.08 29.64 13.53
C ASP B 72 -9.21 29.67 14.79
N ALA B 73 -8.64 28.54 15.15
CA ALA B 73 -7.80 28.45 16.37
C ALA B 73 -6.45 29.15 16.16
N MET B 74 -5.99 29.24 14.91
CA MET B 74 -4.73 29.98 14.62
C MET B 74 -5.01 31.47 14.82
N TYR B 75 -6.11 31.96 14.28
CA TYR B 75 -6.48 33.39 14.47
C TYR B 75 -6.61 33.73 15.95
N ALA B 76 -7.13 32.80 16.74
CA ALA B 76 -7.36 33.09 18.17
C ALA B 76 -6.04 33.16 18.94
N LEU B 77 -5.08 32.32 18.59
CA LEU B 77 -3.82 32.27 19.37
C LEU B 77 -2.80 33.27 18.85
N LEU B 78 -2.73 33.48 17.54
CA LEU B 78 -1.64 34.31 16.96
C LEU B 78 -2.14 35.72 16.64
N GLY B 79 -3.43 35.98 16.86
CA GLY B 79 -4.00 37.31 16.61
C GLY B 79 -3.50 38.40 17.55
N PRO B 80 -3.59 38.27 18.91
CA PRO B 80 -3.03 39.27 19.82
C PRO B 80 -1.65 39.84 19.45
N ALA B 81 -0.70 38.99 19.03
CA ALA B 81 0.65 39.43 18.64
C ALA B 81 0.86 39.18 17.14
N ALA B 82 -0.15 39.46 16.32
CA ALA B 82 -0.07 39.17 14.87
C ALA B 82 0.94 40.05 14.13
N ASP B 83 1.27 41.22 14.64
CA ASP B 83 2.18 42.10 13.87
C ASP B 83 3.61 41.57 14.03
N ALA B 84 3.86 40.76 15.04
CA ALA B 84 5.19 40.15 15.25
C ALA B 84 5.29 38.85 14.43
N LEU B 85 4.38 38.65 13.48
CA LEU B 85 4.43 37.46 12.59
C LEU B 85 5.26 37.78 11.34
N ALA B 86 5.84 38.97 11.27
CA ALA B 86 6.62 39.36 10.07
C ALA B 86 7.91 38.56 9.96
N GLY B 87 8.19 37.99 8.79
CA GLY B 87 9.39 37.18 8.58
C GLY B 87 9.22 35.75 9.05
N LYS B 88 8.17 35.49 9.82
CA LYS B 88 7.93 34.14 10.36
C LYS B 88 7.33 33.23 9.29
N VAL B 89 7.72 31.96 9.30
CA VAL B 89 7.10 30.98 8.37
C VAL B 89 6.16 30.10 9.20
N VAL B 90 4.86 30.22 8.97
CA VAL B 90 3.85 29.45 9.75
C VAL B 90 3.43 28.19 8.98
N VAL B 91 3.83 27.02 9.48
CA VAL B 91 3.39 25.73 8.86
C VAL B 91 2.14 25.28 9.61
N ASN B 92 0.99 25.47 8.98
CA ASN B 92 -0.29 25.09 9.61
C ASN B 92 -0.61 23.65 9.22
N LEU B 93 -0.54 22.75 10.19
CA LEU B 93 -0.83 21.32 9.93
C LEU B 93 -2.23 21.04 10.44
N SER B 94 -3.13 21.99 10.23
CA SER B 94 -4.50 21.84 10.79
C SER B 94 -5.52 21.70 9.68
N SER B 95 -6.46 20.79 9.86
CA SER B 95 -7.55 20.59 8.87
C SER B 95 -8.42 21.81 8.71
N ASP B 96 -8.81 22.08 7.48
CA ASP B 96 -9.81 23.12 7.18
C ASP B 96 -10.14 23.08 5.69
N THR B 97 -11.16 23.82 5.33
CA THR B 97 -11.53 23.92 3.91
C THR B 97 -10.43 24.63 3.14
N PRO B 98 -10.17 24.27 1.84
CA PRO B 98 -9.22 25.03 1.03
C PRO B 98 -9.47 26.54 1.06
N GLU B 99 -10.73 26.95 1.14
CA GLU B 99 -11.08 28.38 1.09
C GLU B 99 -10.64 29.06 2.38
N LYS B 100 -10.82 28.39 3.51
CA LYS B 100 -10.40 28.95 4.82
C LYS B 100 -8.88 28.85 4.94
N THR B 101 -8.28 27.87 4.30
CA THR B 101 -6.81 27.70 4.30
C THR B 101 -6.21 28.88 3.50
N ARG B 102 -6.81 29.21 2.37
CA ARG B 102 -6.34 30.33 1.53
C ARG B 102 -6.53 31.65 2.29
N ALA B 103 -7.63 31.79 3.04
CA ALA B 103 -7.86 32.99 3.87
C ALA B 103 -6.80 33.10 4.95
N GLY B 104 -6.43 31.99 5.57
CA GLY B 104 -5.35 31.99 6.56
C GLY B 104 -4.06 32.48 5.96
N ALA B 105 -3.75 32.01 4.76
CA ALA B 105 -2.51 32.42 4.06
C ALA B 105 -2.52 33.93 3.80
N ARG B 106 -3.64 34.47 3.33
CA ARG B 106 -3.75 35.94 3.11
C ARG B 106 -3.57 36.71 4.43
N TRP B 107 -4.10 36.20 5.54
CA TRP B 107 -3.97 36.86 6.86
C TRP B 107 -2.51 36.84 7.31
N ILE B 108 -1.86 35.68 7.27
CA ILE B 108 -0.41 35.60 7.63
C ILE B 108 0.36 36.56 6.72
N ALA B 109 0.04 36.60 5.43
CA ALA B 109 0.75 37.46 4.47
C ALA B 109 0.55 38.94 4.80
N GLU B 110 -0.68 39.32 5.16
CA GLU B 110 -0.97 40.73 5.52
C GLU B 110 -0.09 41.14 6.70
N HIS B 111 0.27 40.18 7.56
CA HIS B 111 1.07 40.50 8.76
C HIS B 111 2.55 40.26 8.51
N GLY B 112 2.96 40.11 7.26
CA GLY B 112 4.39 39.98 6.92
C GLY B 112 4.95 38.57 6.96
N GLY B 113 4.11 37.59 7.25
CA GLY B 113 4.57 36.19 7.34
C GLY B 113 4.31 35.39 6.10
N THR B 114 4.70 34.12 6.13
CA THR B 114 4.44 33.21 4.99
C THR B 114 3.78 31.94 5.54
N LEU B 115 2.60 31.60 5.02
CA LEU B 115 1.90 30.36 5.45
C LEU B 115 2.17 29.19 4.52
N ILE B 116 2.58 28.07 5.10
CA ILE B 116 2.69 26.81 4.32
C ILE B 116 1.58 25.93 4.89
N ALA B 117 0.69 25.48 4.03
CA ALA B 117 -0.43 24.62 4.46
C ALA B 117 -0.01 23.15 4.45
N GLY B 118 -0.49 22.41 5.43
CA GLY B 118 -0.14 20.99 5.54
C GLY B 118 -1.29 20.12 5.97
N GLY B 119 -1.37 18.93 5.41
CA GLY B 119 -2.40 17.95 5.80
C GLY B 119 -1.76 16.62 6.11
N VAL B 120 -1.67 16.27 7.39
CA VAL B 120 -0.95 15.03 7.80
C VAL B 120 -1.89 13.83 7.63
N THR B 121 -1.46 12.85 6.84
CA THR B 121 -2.32 11.68 6.52
C THR B 121 -1.98 10.47 7.41
N CYS B 122 -1.52 10.72 8.63
CA CYS B 122 -1.15 9.61 9.55
C CYS B 122 -1.69 9.90 10.94
N PRO B 123 -1.96 8.88 11.79
CA PRO B 123 -2.38 9.16 13.17
C PRO B 123 -1.18 9.58 14.04
N PRO B 124 -1.35 9.97 15.34
CA PRO B 124 -0.20 10.30 16.18
C PRO B 124 0.92 9.24 16.16
N SER B 125 0.58 7.96 16.22
CA SER B 125 1.56 6.86 16.22
C SER B 125 2.43 6.87 14.96
N GLY B 126 1.98 7.53 13.91
CA GLY B 126 2.73 7.55 12.64
C GLY B 126 3.71 8.69 12.54
N ILE B 127 3.55 9.72 13.36
CA ILE B 127 4.50 10.87 13.35
C ILE B 127 5.92 10.36 13.66
N GLY B 128 6.87 10.58 12.76
CA GLY B 128 8.24 10.10 12.94
C GLY B 128 8.54 8.89 12.09
N SER B 129 7.51 8.28 11.52
CA SER B 129 7.72 7.04 10.74
C SER B 129 7.88 7.35 9.26
N PRO B 130 8.87 6.72 8.55
CA PRO B 130 9.03 6.87 7.11
C PRO B 130 7.79 6.49 6.28
N GLU B 131 6.92 5.68 6.87
CA GLU B 131 5.70 5.21 6.15
C GLU B 131 4.73 6.37 6.03
N SER B 132 4.74 7.28 7.00
CA SER B 132 3.74 8.38 7.04
C SER B 132 4.07 9.49 6.04
N SER B 133 3.02 10.17 5.58
CA SER B 133 3.18 11.28 4.63
C SER B 133 2.29 12.47 5.03
N ALA B 134 2.57 13.64 4.45
CA ALA B 134 1.76 14.85 4.67
C ALA B 134 1.70 15.63 3.37
N PHE B 135 0.56 16.22 3.08
CA PHE B 135 0.44 17.10 1.90
C PHE B 135 0.98 18.48 2.26
N TYR B 136 1.71 19.09 1.34
CA TYR B 136 2.22 20.45 1.59
C TYR B 136 1.91 21.32 0.39
N SER B 137 1.54 22.55 0.67
CA SER B 137 1.23 23.52 -0.39
C SER B 137 1.53 24.93 0.11
N GLY B 138 1.79 25.83 -0.82
CA GLY B 138 2.19 27.18 -0.42
C GLY B 138 3.46 27.61 -1.11
N PRO B 139 3.94 28.88 -0.96
CA PRO B 139 5.20 29.33 -1.58
C PRO B 139 6.36 28.34 -1.54
N SER B 140 6.86 27.98 -2.72
CA SER B 140 7.93 26.95 -2.84
C SER B 140 9.19 27.29 -2.03
N ALA B 141 9.66 28.54 -2.03
CA ALA B 141 10.94 28.87 -1.36
C ALA B 141 10.87 28.59 0.14
N ALA B 142 9.80 29.03 0.82
CA ALA B 142 9.62 28.77 2.26
C ALA B 142 9.48 27.28 2.53
N PHE B 143 8.70 26.56 1.72
CA PHE B 143 8.61 25.10 1.88
C PHE B 143 10.00 24.50 1.73
N GLU B 144 10.69 24.83 0.64
CA GLU B 144 12.04 24.27 0.36
C GLU B 144 12.99 24.61 1.50
N ARG B 145 12.86 25.79 2.10
CA ARG B 145 13.72 26.21 3.23
C ARG B 145 13.44 25.36 4.47
N HIS B 146 12.20 24.97 4.70
CA HIS B 146 11.86 24.29 5.97
C HIS B 146 11.55 22.79 5.76
N ARG B 147 11.77 22.26 4.56
CA ARG B 147 11.41 20.86 4.23
C ARG B 147 12.15 19.86 5.12
N GLU B 148 13.46 19.99 5.28
CA GLU B 148 14.25 19.01 6.05
C GLU B 148 13.66 18.84 7.45
N THR B 149 13.32 19.94 8.12
CA THR B 149 12.71 19.89 9.46
C THR B 149 11.36 19.18 9.37
N LEU B 150 10.58 19.47 8.34
CA LEU B 150 9.24 18.84 8.17
C LEU B 150 9.36 17.34 7.87
N ARG B 151 10.46 16.91 7.25
CA ARG B 151 10.68 15.48 6.93
C ARG B 151 10.93 14.66 8.21
N THR B 152 11.22 15.30 9.33
CA THR B 152 11.35 14.59 10.63
C THR B 152 9.98 14.03 11.02
N LEU B 153 8.93 14.77 10.72
CA LEU B 153 7.56 14.37 11.13
C LEU B 153 7.01 13.30 10.20
N THR B 154 7.04 13.55 8.90
CA THR B 154 6.51 12.61 7.89
C THR B 154 7.22 12.82 6.57
N ARG B 155 6.89 12.01 5.57
CA ARG B 155 7.39 12.30 4.20
C ARG B 155 6.62 13.51 3.70
N THR B 156 7.20 14.25 2.78
CA THR B 156 6.57 15.51 2.34
C THR B 156 6.08 15.36 0.89
N ASP B 157 4.78 15.54 0.66
CA ASP B 157 4.23 15.52 -0.72
C ASP B 157 3.80 16.94 -1.08
N TYR B 158 4.64 17.65 -1.81
CA TYR B 158 4.33 19.05 -2.21
C TYR B 158 3.38 19.01 -3.40
N ARG B 159 2.26 19.70 -3.29
CA ARG B 159 1.23 19.63 -4.34
C ARG B 159 1.23 20.90 -5.19
N GLY B 160 1.86 21.97 -4.71
CA GLY B 160 1.92 23.23 -5.48
C GLY B 160 1.92 24.51 -4.66
N GLU B 161 1.88 25.65 -5.34
CA GLU B 161 1.98 26.97 -4.66
C GLU B 161 0.67 27.40 -4.00
N ASP B 162 -0.46 26.93 -4.52
CA ASP B 162 -1.78 27.26 -3.93
C ASP B 162 -1.87 26.64 -2.54
N PRO B 163 -2.00 27.44 -1.44
CA PRO B 163 -2.15 26.88 -0.08
C PRO B 163 -3.38 25.97 0.09
N GLY B 164 -4.42 26.19 -0.69
CA GLY B 164 -5.64 25.36 -0.61
C GLY B 164 -5.44 23.96 -1.14
N LEU B 165 -4.34 23.68 -1.81
CA LEU B 165 -4.14 22.35 -2.45
C LEU B 165 -3.96 21.26 -1.38
N ALA B 166 -3.18 21.54 -0.33
CA ALA B 166 -2.92 20.53 0.71
C ALA B 166 -4.23 20.18 1.43
N ALA B 167 -5.09 21.16 1.63
CA ALA B 167 -6.37 20.94 2.31
C ALA B 167 -7.31 20.12 1.41
N LEU B 168 -7.37 20.42 0.13
CA LEU B 168 -8.23 19.69 -0.82
C LEU B 168 -7.85 18.22 -0.80
N TRP B 169 -6.57 17.93 -0.96
CA TRP B 169 -6.06 16.54 -1.00
C TRP B 169 -6.36 15.83 0.34
N TYR B 170 -6.23 16.55 1.46
CA TYR B 170 -6.56 15.97 2.78
C TYR B 170 -8.04 15.62 2.82
N GLN B 171 -8.92 16.54 2.42
CA GLN B 171 -10.39 16.31 2.43
C GLN B 171 -10.75 15.14 1.50
N ILE B 172 -10.14 15.05 0.32
CA ILE B 172 -10.38 13.93 -0.64
C ILE B 172 -10.13 12.58 0.07
N GLY B 173 -9.03 12.47 0.80
CA GLY B 173 -8.71 11.24 1.53
C GLY B 173 -9.54 11.04 2.77
N MET B 174 -9.93 12.11 3.45
CA MET B 174 -10.68 12.00 4.72
C MET B 174 -12.16 11.63 4.50
N VAL B 175 -12.77 12.06 3.40
CA VAL B 175 -14.17 11.65 3.09
C VAL B 175 -14.17 10.12 2.92
N MET B 176 -13.14 9.59 2.29
CA MET B 176 -13.01 8.12 2.14
C MET B 176 -12.76 7.50 3.51
N TRP B 177 -11.82 8.04 4.30
CA TRP B 177 -11.45 7.44 5.61
C TRP B 177 -12.64 7.42 6.58
N TRP B 178 -13.31 8.56 6.74
CA TRP B 178 -14.45 8.65 7.69
C TRP B 178 -15.59 7.71 7.27
N ASN B 179 -15.86 7.61 5.98
CA ASN B 179 -17.01 6.80 5.49
C ASN B 179 -16.69 5.32 5.72
N ALA B 180 -15.45 4.93 5.49
CA ALA B 180 -15.04 3.53 5.74
C ALA B 180 -15.09 3.20 7.24
N MET B 181 -14.62 4.11 8.08
CA MET B 181 -14.59 3.86 9.54
C MET B 181 -16.01 3.95 10.12
N LEU B 182 -16.90 4.73 9.53
CA LEU B 182 -18.29 4.76 9.99
C LEU B 182 -18.95 3.44 9.62
N GLY B 183 -18.56 2.86 8.48
CA GLY B 183 -19.05 1.52 8.13
C GLY B 183 -18.53 0.49 9.10
N TYR B 184 -17.29 0.65 9.56
CA TYR B 184 -16.71 -0.28 10.56
C TYR B 184 -17.48 -0.17 11.88
N LEU B 185 -17.83 1.03 12.30
CA LEU B 185 -18.57 1.22 13.56
C LEU B 185 -19.96 0.58 13.42
N GLN B 186 -20.58 0.73 12.27
CA GLN B 186 -21.90 0.13 11.99
C GLN B 186 -21.78 -1.40 11.98
N ALA B 187 -20.72 -1.93 11.39
CA ALA B 187 -20.47 -3.39 11.39
C ALA B 187 -20.23 -3.90 12.81
N VAL B 188 -19.53 -3.14 13.64
CA VAL B 188 -19.28 -3.55 15.06
C VAL B 188 -20.60 -3.54 15.82
N ALA B 189 -21.45 -2.56 15.60
CA ALA B 189 -22.78 -2.50 16.27
C ALA B 189 -23.69 -3.65 15.81
N LEU B 190 -23.80 -3.89 14.50
CA LEU B 190 -24.58 -5.03 14.00
C LEU B 190 -24.03 -6.32 14.63
N ALA B 191 -22.71 -6.46 14.67
CA ALA B 191 -22.08 -7.66 15.25
C ALA B 191 -22.45 -7.79 16.73
N ASP B 192 -22.34 -6.71 17.50
CA ASP B 192 -22.64 -6.74 18.95
C ASP B 192 -24.07 -7.22 19.18
N ALA B 193 -25.00 -6.72 18.37
CA ALA B 193 -26.42 -7.10 18.47
C ALA B 193 -26.65 -8.58 18.11
N ASN B 194 -25.62 -9.28 17.65
CA ASN B 194 -25.73 -10.71 17.28
C ASN B 194 -24.66 -11.52 18.01
N GLY B 195 -24.23 -11.08 19.19
CA GLY B 195 -23.29 -11.85 20.02
C GLY B 195 -21.86 -11.86 19.51
N LEU B 196 -21.52 -10.93 18.63
CA LEU B 196 -20.17 -10.93 18.03
C LEU B 196 -19.40 -9.69 18.46
N LYS B 197 -18.20 -9.89 18.96
CA LYS B 197 -17.35 -8.74 19.34
C LYS B 197 -16.65 -8.21 18.09
N ALA B 198 -15.95 -7.09 18.24
CA ALA B 198 -15.16 -6.52 17.13
C ALA B 198 -14.04 -7.48 16.75
N ALA B 199 -13.52 -8.21 17.72
CA ALA B 199 -12.44 -9.20 17.48
C ALA B 199 -12.94 -10.36 16.61
N ASP B 200 -14.23 -10.69 16.69
CA ASP B 200 -14.80 -11.82 15.92
C ASP B 200 -14.98 -11.42 14.46
N ILE B 201 -15.29 -10.16 14.20
CA ILE B 201 -15.54 -9.67 12.81
C ILE B 201 -14.27 -9.03 12.21
N LEU B 202 -13.22 -8.83 13.02
CA LEU B 202 -11.97 -8.17 12.54
C LEU B 202 -11.37 -8.93 11.36
N PRO B 203 -11.22 -10.28 11.35
CA PRO B 203 -10.73 -10.96 10.14
C PRO B 203 -11.52 -10.59 8.86
N HIS B 204 -12.84 -10.64 8.90
CA HIS B 204 -13.68 -10.33 7.71
C HIS B 204 -13.59 -8.85 7.35
N ALA B 205 -13.59 -7.98 8.34
CA ALA B 205 -13.45 -6.52 8.13
C ALA B 205 -12.12 -6.22 7.46
N SER B 206 -11.06 -6.89 7.89
CA SER B 206 -9.71 -6.64 7.33
C SER B 206 -9.63 -7.13 5.89
N ASP B 207 -10.22 -8.28 5.59
CA ASP B 207 -10.28 -8.77 4.19
C ASP B 207 -11.10 -7.80 3.34
N THR B 208 -12.20 -7.27 3.88
CA THR B 208 -13.11 -6.40 3.09
C THR B 208 -12.36 -5.12 2.69
N VAL B 209 -11.61 -4.54 3.61
CA VAL B 209 -10.86 -3.27 3.33
C VAL B 209 -9.59 -3.56 2.50
N ALA B 210 -9.02 -4.75 2.60
CA ALA B 210 -7.79 -5.11 1.86
C ALA B 210 -8.10 -5.32 0.37
N GLY B 211 -9.33 -5.72 0.04
CA GLY B 211 -9.74 -5.90 -1.35
C GLY B 211 -10.14 -4.59 -2.01
N LEU B 212 -10.28 -3.53 -1.24
CA LEU B 212 -10.70 -2.19 -1.76
C LEU B 212 -9.73 -1.62 -2.82
N PRO B 213 -8.36 -1.66 -2.71
CA PRO B 213 -7.51 -1.13 -3.80
C PRO B 213 -7.86 -1.68 -5.19
N PHE B 214 -8.19 -2.96 -5.32
CA PHE B 214 -8.66 -3.54 -6.60
C PHE B 214 -9.85 -2.78 -7.16
N PHE B 215 -10.85 -2.51 -6.33
CA PHE B 215 -12.11 -1.84 -6.78
C PHE B 215 -11.86 -0.36 -7.10
N LEU B 216 -10.95 0.30 -6.39
CA LEU B 216 -10.60 1.70 -6.69
C LEU B 216 -10.00 1.78 -8.10
N ARG B 217 -9.13 0.83 -8.45
CA ARG B 217 -8.48 0.80 -9.79
C ARG B 217 -9.51 0.42 -10.86
N PHE B 218 -10.36 -0.56 -10.58
CA PHE B 218 -11.40 -1.02 -11.55
C PHE B 218 -12.33 0.14 -11.93
N TYR B 219 -12.79 0.89 -10.96
CA TYR B 219 -13.77 1.97 -11.21
C TYR B 219 -13.11 3.29 -11.63
N ALA B 220 -11.81 3.47 -11.39
CA ALA B 220 -11.12 4.73 -11.71
C ALA B 220 -11.19 5.02 -13.21
N ASP B 221 -10.71 4.08 -14.02
CA ASP B 221 -10.69 4.28 -15.49
C ASP B 221 -12.13 4.31 -16.00
N ARG B 222 -12.98 3.46 -15.44
CA ARG B 222 -14.40 3.41 -15.85
C ARG B 222 -15.04 4.79 -15.63
N ILE B 223 -14.85 5.37 -14.46
CA ILE B 223 -15.47 6.69 -14.14
C ILE B 223 -14.82 7.74 -15.04
N ASP B 224 -13.51 7.66 -15.23
CA ASP B 224 -12.79 8.69 -16.03
C ASP B 224 -13.21 8.64 -17.51
N THR B 225 -13.57 7.45 -18.02
CA THR B 225 -14.00 7.28 -19.43
C THR B 225 -15.52 7.35 -19.56
N GLY B 226 -16.24 7.58 -18.46
CA GLY B 226 -17.72 7.61 -18.48
C GLY B 226 -18.32 6.25 -18.76
N HIS B 227 -17.53 5.19 -18.59
CA HIS B 227 -18.02 3.81 -18.73
C HIS B 227 -18.75 3.37 -17.45
N HIS B 228 -20.07 3.41 -17.46
CA HIS B 228 -20.87 3.05 -16.28
C HIS B 228 -21.80 1.88 -16.62
N GLY B 229 -21.33 0.94 -17.42
CA GLY B 229 -22.15 -0.22 -17.78
C GLY B 229 -22.44 -1.12 -16.61
N GLY B 230 -23.47 -1.94 -16.73
CA GLY B 230 -23.84 -2.88 -15.67
C GLY B 230 -23.19 -4.25 -15.84
N ASP B 231 -21.98 -4.30 -16.37
CA ASP B 231 -21.31 -5.58 -16.69
C ASP B 231 -20.84 -6.30 -15.42
N ALA B 232 -20.37 -5.57 -14.44
CA ALA B 232 -19.92 -6.16 -13.16
C ALA B 232 -20.99 -5.95 -12.09
N ASP B 233 -21.82 -4.93 -12.25
CA ASP B 233 -22.82 -4.59 -11.21
C ASP B 233 -23.91 -3.66 -11.75
N ARG B 234 -25.11 -3.77 -11.19
CA ARG B 234 -26.21 -2.86 -11.55
C ARG B 234 -26.62 -2.10 -10.28
N LEU B 235 -27.00 -0.83 -10.41
CA LEU B 235 -27.41 -0.02 -9.25
C LEU B 235 -28.61 -0.66 -8.54
N ALA B 236 -29.52 -1.26 -9.29
CA ALA B 236 -30.70 -1.95 -8.72
C ALA B 236 -30.27 -3.07 -7.76
N MET B 237 -29.28 -3.87 -8.15
CA MET B 237 -28.73 -4.89 -7.21
C MET B 237 -28.18 -4.18 -5.98
N GLY B 238 -27.40 -3.13 -6.17
CA GLY B 238 -26.81 -2.38 -5.05
C GLY B 238 -27.84 -1.76 -4.14
N THR B 239 -28.94 -1.25 -4.69
CA THR B 239 -30.03 -0.65 -3.89
C THR B 239 -30.63 -1.75 -3.01
N ALA B 240 -30.89 -2.93 -3.57
CA ALA B 240 -31.36 -4.07 -2.74
C ALA B 240 -30.34 -4.34 -1.65
N SER B 241 -29.06 -4.43 -2.01
CA SER B 241 -27.97 -4.73 -1.05
C SER B 241 -27.98 -3.74 0.14
N VAL B 242 -28.06 -2.44 -0.13
CA VAL B 242 -28.04 -1.40 0.94
C VAL B 242 -29.36 -1.47 1.72
N GLU B 243 -30.45 -1.87 1.07
CA GLU B 243 -31.73 -2.08 1.79
C GLU B 243 -31.58 -3.26 2.74
N HIS B 244 -30.86 -4.30 2.31
CA HIS B 244 -30.64 -5.47 3.18
C HIS B 244 -29.84 -5.04 4.39
N ILE B 245 -28.86 -4.16 4.21
CA ILE B 245 -28.04 -3.65 5.34
C ILE B 245 -28.98 -2.86 6.28
N LEU B 246 -29.75 -1.93 5.74
CA LEU B 246 -30.69 -1.10 6.54
C LEU B 246 -31.60 -2.01 7.38
N HIS B 247 -32.22 -3.00 6.75
CA HIS B 247 -33.21 -3.85 7.46
C HIS B 247 -32.51 -4.89 8.36
N THR B 248 -31.34 -5.39 7.99
CA THR B 248 -30.60 -6.31 8.88
C THR B 248 -30.28 -5.52 10.16
N MET B 249 -29.91 -4.26 10.02
CA MET B 249 -29.56 -3.40 11.18
C MET B 249 -30.81 -3.05 12.00
N ALA B 250 -31.92 -2.73 11.34
CA ALA B 250 -33.18 -2.41 12.04
C ALA B 250 -33.70 -3.63 12.78
N ASP B 251 -33.66 -4.81 12.15
CA ASP B 251 -34.13 -6.07 12.77
C ASP B 251 -33.25 -6.41 13.96
N SER B 252 -32.03 -5.87 14.02
CA SER B 252 -31.10 -6.15 15.13
C SER B 252 -31.12 -5.02 16.17
N GLY B 253 -31.99 -4.02 16.00
CA GLY B 253 -32.12 -2.90 16.96
C GLY B 253 -30.99 -1.91 16.86
N VAL B 254 -30.32 -1.84 15.72
CA VAL B 254 -29.15 -0.93 15.55
C VAL B 254 -29.63 0.37 14.91
N ASP B 255 -29.08 1.50 15.33
CA ASP B 255 -29.43 2.82 14.74
C ASP B 255 -29.38 2.75 13.21
N THR B 256 -30.34 3.37 12.55
CA THR B 256 -30.47 3.23 11.08
C THR B 256 -30.31 4.55 10.32
N ALA B 257 -29.88 5.63 10.95
CA ALA B 257 -29.80 6.94 10.26
C ALA B 257 -28.78 6.91 9.13
N LEU B 258 -27.58 6.40 9.39
CA LEU B 258 -26.52 6.27 8.35
C LEU B 258 -26.96 5.34 7.22
N PRO B 259 -27.47 4.08 7.43
CA PRO B 259 -27.97 3.27 6.31
C PRO B 259 -29.18 3.85 5.57
N GLU B 260 -29.99 4.65 6.25
CA GLU B 260 -31.15 5.30 5.59
C GLU B 260 -30.62 6.34 4.60
N ALA B 261 -29.53 7.02 4.92
CA ALA B 261 -28.91 8.00 4.00
C ALA B 261 -28.34 7.28 2.76
N VAL B 262 -27.73 6.11 2.94
CA VAL B 262 -27.20 5.30 1.80
C VAL B 262 -28.36 4.80 0.92
N VAL B 263 -29.42 4.29 1.53
CA VAL B 263 -30.60 3.80 0.75
C VAL B 263 -31.22 4.97 -0.01
N ALA B 264 -31.38 6.12 0.63
CA ALA B 264 -31.94 7.32 -0.04
C ALA B 264 -31.06 7.74 -1.22
N PHE B 265 -29.74 7.68 -1.07
CA PHE B 265 -28.83 7.98 -2.19
C PHE B 265 -29.05 7.02 -3.37
N PHE B 266 -29.03 5.71 -3.12
CA PHE B 266 -29.22 4.68 -4.19
C PHE B 266 -30.63 4.77 -4.82
N ARG B 267 -31.68 4.99 -4.02
CA ARG B 267 -33.06 5.16 -4.55
C ARG B 267 -33.18 6.43 -5.38
N ARG B 268 -32.40 7.46 -5.07
CA ARG B 268 -32.41 8.71 -5.88
C ARG B 268 -31.75 8.41 -7.23
N GLY B 269 -30.72 7.59 -7.26
CA GLY B 269 -30.14 7.18 -8.53
C GLY B 269 -31.11 6.41 -9.41
N GLU B 270 -31.87 5.50 -8.81
CA GLU B 270 -32.86 4.71 -9.57
C GLU B 270 -33.94 5.65 -10.13
N ALA B 271 -34.33 6.67 -9.36
CA ALA B 271 -35.40 7.58 -9.78
C ALA B 271 -34.90 8.56 -10.83
N ALA B 272 -33.59 8.62 -11.07
CA ALA B 272 -33.00 9.50 -12.09
C ALA B 272 -32.55 8.70 -13.32
N GLY B 273 -32.85 7.41 -13.39
CA GLY B 273 -32.57 6.61 -14.60
C GLY B 273 -31.30 5.78 -14.57
N TYR B 274 -30.73 5.49 -13.40
CA TYR B 274 -29.41 4.81 -13.33
C TYR B 274 -29.49 3.35 -12.89
N ALA B 275 -30.70 2.78 -12.75
CA ALA B 275 -30.87 1.41 -12.20
C ALA B 275 -30.10 0.31 -12.95
N GLU B 276 -30.00 0.42 -14.27
CA GLU B 276 -29.34 -0.62 -15.09
C GLU B 276 -27.86 -0.29 -15.23
N ASN B 277 -27.47 0.88 -14.76
CA ASN B 277 -26.06 1.30 -14.80
C ASN B 277 -25.30 0.81 -13.57
N SER B 278 -23.98 0.89 -13.59
CA SER B 278 -23.18 0.56 -12.39
C SER B 278 -23.43 1.60 -11.30
N PHE B 279 -23.20 1.24 -10.04
CA PHE B 279 -23.28 2.21 -8.93
C PHE B 279 -22.29 3.35 -9.18
N SER B 280 -21.22 3.10 -9.93
CA SER B 280 -20.24 4.16 -10.29
C SER B 280 -20.97 5.38 -10.87
N SER B 281 -22.07 5.19 -11.60
CA SER B 281 -22.86 6.28 -12.23
C SER B 281 -23.38 7.30 -11.21
N MET B 282 -23.39 6.95 -9.93
CA MET B 282 -23.83 7.88 -8.87
C MET B 282 -22.83 9.03 -8.73
N VAL B 283 -21.61 8.90 -9.26
CA VAL B 283 -20.64 10.05 -9.25
C VAL B 283 -21.19 11.15 -10.14
N GLU B 284 -22.00 10.80 -11.14
CA GLU B 284 -22.60 11.80 -12.05
C GLU B 284 -23.62 12.65 -11.28
N LEU B 285 -24.22 12.12 -10.22
CA LEU B 285 -25.18 12.89 -9.41
C LEU B 285 -24.46 13.68 -8.31
N LEU B 286 -23.30 13.21 -7.89
CA LEU B 286 -22.50 13.86 -6.84
C LEU B 286 -21.69 14.96 -7.49
N LYS B 287 -21.38 14.85 -8.77
CA LYS B 287 -20.48 15.83 -9.44
C LYS B 287 -21.13 17.20 -9.59
N LYS B 288 -20.30 18.21 -9.80
CA LYS B 288 -20.80 19.60 -9.92
C LYS B 288 -21.69 19.84 -11.14
N PRO B 289 -21.29 19.66 -12.41
CA PRO B 289 -22.06 20.10 -13.62
C PRO B 289 -23.51 20.54 -13.34
N ARG C 3 8.92 37.32 -16.46
CA ARG C 3 9.39 36.50 -15.31
C ARG C 3 10.20 35.28 -15.79
N PRO C 4 9.72 34.36 -16.67
CA PRO C 4 10.49 33.17 -17.04
C PRO C 4 11.81 33.54 -17.74
N ALA C 5 12.94 33.28 -17.08
CA ALA C 5 14.28 33.67 -17.60
C ALA C 5 14.72 32.77 -18.76
N PRO C 6 15.44 33.31 -19.77
CA PRO C 6 15.97 32.47 -20.84
C PRO C 6 17.14 31.58 -20.39
N LEU C 7 17.32 30.44 -21.07
CA LEU C 7 18.39 29.49 -20.70
C LEU C 7 18.78 28.61 -21.90
N THR C 8 19.88 27.87 -21.76
CA THR C 8 20.31 26.92 -22.80
C THR C 8 20.22 25.50 -22.25
N LEU C 9 19.67 24.58 -23.02
CA LEU C 9 19.61 23.15 -22.63
C LEU C 9 20.46 22.33 -23.60
N ILE C 10 21.46 21.64 -23.08
CA ILE C 10 22.30 20.74 -23.92
C ILE C 10 22.09 19.33 -23.39
N GLY C 11 21.79 18.39 -24.29
CA GLY C 11 21.54 17.00 -23.86
C GLY C 11 20.07 16.71 -23.93
N LEU C 12 19.62 16.19 -25.06
CA LEU C 12 18.17 16.01 -25.27
C LEU C 12 17.81 14.53 -25.33
N GLY C 13 18.28 13.76 -24.37
CA GLY C 13 17.80 12.37 -24.27
C GLY C 13 16.52 12.36 -23.43
N PRO C 14 16.03 11.22 -22.88
CA PRO C 14 14.75 11.23 -22.17
C PRO C 14 14.59 12.39 -21.16
N MET C 15 15.58 12.66 -20.33
CA MET C 15 15.39 13.72 -19.32
C MET C 15 15.35 15.10 -19.99
N GLY C 16 16.30 15.38 -20.87
CA GLY C 16 16.38 16.71 -21.53
C GLY C 16 15.19 17.03 -22.41
N GLN C 17 14.58 16.02 -23.02
CA GLN C 17 13.36 16.27 -23.82
C GLN C 17 12.25 16.74 -22.89
N ALA C 18 12.06 16.03 -21.79
CA ALA C 18 11.02 16.40 -20.79
C ALA C 18 11.36 17.74 -20.16
N MET C 19 12.64 17.98 -19.90
CA MET C 19 13.07 19.27 -19.31
C MET C 19 12.72 20.39 -20.29
N GLY C 20 13.04 20.22 -21.56
CA GLY C 20 12.76 21.23 -22.58
C GLY C 20 11.28 21.52 -22.68
N ASN C 21 10.47 20.46 -22.70
CA ASN C 21 9.01 20.63 -22.85
C ASN C 21 8.47 21.42 -21.65
N ALA C 22 8.94 21.15 -20.44
CA ALA C 22 8.51 21.86 -19.22
C ALA C 22 8.92 23.34 -19.25
N LEU C 23 10.12 23.61 -19.75
CA LEU C 23 10.63 25.01 -19.81
C LEU C 23 9.85 25.79 -20.87
N LEU C 24 9.52 25.17 -22.01
CA LEU C 24 8.69 25.84 -23.04
C LEU C 24 7.25 26.02 -22.54
N ASP C 25 6.73 25.08 -21.76
CA ASP C 25 5.36 25.16 -21.21
C ASP C 25 5.22 26.38 -20.28
N ARG C 26 6.29 26.74 -19.57
CA ARG C 26 6.25 27.89 -18.63
C ARG C 26 6.46 29.23 -19.37
N GLY C 27 7.09 29.20 -20.54
CA GLY C 27 7.36 30.44 -21.29
C GLY C 27 8.82 30.85 -21.26
N HIS C 28 9.70 29.91 -20.90
CA HIS C 28 11.15 30.17 -20.89
C HIS C 28 11.70 30.20 -22.30
N GLY C 29 12.44 31.24 -22.66
CA GLY C 29 13.12 31.27 -23.97
C GLY C 29 14.19 30.21 -23.99
N LEU C 30 14.03 29.18 -24.81
CA LEU C 30 14.96 28.03 -24.73
C LEU C 30 15.87 27.94 -25.95
N THR C 31 17.16 27.77 -25.72
CA THR C 31 18.12 27.52 -26.82
C THR C 31 18.57 26.08 -26.62
N VAL C 32 18.45 25.23 -27.63
CA VAL C 32 18.76 23.79 -27.44
C VAL C 32 19.91 23.36 -28.32
N TRP C 33 20.58 22.28 -27.93
CA TRP C 33 21.65 21.67 -28.76
C TRP C 33 21.86 20.21 -28.33
N ASN C 34 22.01 19.32 -29.30
CA ASN C 34 22.27 17.89 -29.02
C ASN C 34 23.28 17.36 -30.06
N ARG C 35 24.20 16.49 -29.65
CA ARG C 35 25.18 15.87 -30.59
C ARG C 35 24.39 15.27 -31.75
N THR C 36 23.34 14.51 -31.44
CA THR C 36 22.44 14.02 -32.51
C THR C 36 21.46 15.16 -32.75
N ALA C 37 21.72 15.98 -33.77
CA ALA C 37 20.87 17.17 -34.03
C ALA C 37 19.39 16.82 -34.16
N SER C 38 19.07 15.64 -34.66
CA SER C 38 17.66 15.23 -34.86
C SER C 38 16.86 15.16 -33.56
N ARG C 39 17.53 15.05 -32.41
CA ARG C 39 16.76 14.86 -31.15
C ARG C 39 16.27 16.22 -30.64
N ALA C 40 16.54 17.28 -31.38
CA ALA C 40 16.05 18.63 -31.03
C ALA C 40 14.84 18.99 -31.89
N ASP C 41 14.56 18.21 -32.93
CA ASP C 41 13.51 18.56 -33.92
C ASP C 41 12.18 18.96 -33.25
N ALA C 42 11.65 18.13 -32.37
CA ALA C 42 10.32 18.41 -31.76
C ALA C 42 10.34 19.69 -30.92
N LEU C 43 11.40 19.88 -30.13
CA LEU C 43 11.49 21.06 -29.25
C LEU C 43 11.65 22.32 -30.10
N VAL C 44 12.35 22.22 -31.24
CA VAL C 44 12.52 23.39 -32.14
C VAL C 44 11.17 23.73 -32.79
N GLU C 45 10.41 22.72 -33.21
CA GLU C 45 9.05 22.98 -33.78
C GLU C 45 8.13 23.51 -32.68
N ARG C 46 8.40 23.17 -31.42
CA ARG C 46 7.58 23.66 -30.28
C ARG C 46 7.93 25.12 -29.97
N GLY C 47 9.05 25.63 -30.48
CA GLY C 47 9.38 27.05 -30.30
C GLY C 47 10.74 27.30 -29.67
N ALA C 48 11.55 26.26 -29.54
CA ALA C 48 12.93 26.46 -29.05
C ALA C 48 13.86 26.81 -30.20
N VAL C 49 14.93 27.54 -29.90
CA VAL C 49 15.90 27.94 -30.93
C VAL C 49 16.95 26.84 -31.09
N ARG C 50 17.24 26.43 -32.32
CA ARG C 50 18.32 25.43 -32.57
C ARG C 50 19.66 26.15 -32.62
N ALA C 51 20.56 25.80 -31.70
CA ALA C 51 21.92 26.37 -31.75
C ALA C 51 22.69 25.70 -32.88
N PRO C 52 23.47 26.44 -33.73
CA PRO C 52 24.25 25.78 -34.78
C PRO C 52 25.40 24.97 -34.19
N ASP C 53 25.93 25.42 -33.05
CA ASP C 53 27.09 24.73 -32.43
C ASP C 53 26.96 24.82 -30.91
N VAL C 54 27.59 23.90 -30.20
CA VAL C 54 27.62 23.93 -28.71
C VAL C 54 28.16 25.28 -28.25
N ALA C 55 29.16 25.83 -28.94
CA ALA C 55 29.80 27.11 -28.54
C ALA C 55 28.81 28.27 -28.51
N ALA C 56 27.90 28.32 -29.48
CA ALA C 56 26.89 29.40 -29.53
C ALA C 56 25.81 29.15 -28.48
N ALA C 57 25.39 27.90 -28.32
CA ALA C 57 24.43 27.54 -27.26
C ALA C 57 24.92 28.10 -25.93
N VAL C 58 26.19 27.88 -25.61
CA VAL C 58 26.77 28.36 -24.32
C VAL C 58 26.73 29.90 -24.27
N ALA C 59 27.04 30.57 -25.38
CA ALA C 59 27.12 32.05 -25.38
C ALA C 59 25.73 32.69 -25.37
N ALA C 60 24.70 31.95 -25.76
CA ALA C 60 23.33 32.48 -25.83
C ALA C 60 22.81 32.94 -24.46
N ASN C 61 23.12 32.18 -23.40
CA ASN C 61 22.56 32.52 -22.07
C ASN C 61 23.58 32.33 -20.95
N GLU C 62 23.37 32.98 -19.81
CA GLU C 62 24.24 32.78 -18.63
C GLU C 62 23.99 31.37 -18.11
N LEU C 63 22.73 30.95 -18.10
CA LEU C 63 22.39 29.61 -17.56
C LEU C 63 22.52 28.56 -18.65
N VAL C 64 23.36 27.57 -18.42
CA VAL C 64 23.52 26.43 -19.36
C VAL C 64 23.22 25.16 -18.56
N VAL C 65 22.11 24.49 -18.89
CA VAL C 65 21.74 23.23 -18.20
C VAL C 65 22.18 22.05 -19.08
N LEU C 66 22.80 21.04 -18.46
CA LEU C 66 23.27 19.83 -19.17
C LEU C 66 22.56 18.58 -18.68
N SER C 67 22.01 17.78 -19.59
CA SER C 67 21.42 16.46 -19.23
C SER C 67 22.16 15.41 -20.07
N LEU C 68 23.32 14.97 -19.60
CA LEU C 68 24.15 14.01 -20.35
C LEU C 68 24.39 12.74 -19.53
N THR C 69 24.89 11.68 -20.16
CA THR C 69 25.08 10.37 -19.48
C THR C 69 26.06 10.53 -18.32
N ASP C 70 27.10 11.33 -18.52
CA ASP C 70 28.15 11.46 -17.49
C ASP C 70 28.92 12.78 -17.66
N TYR C 71 29.93 12.99 -16.85
CA TYR C 71 30.72 14.25 -16.88
C TYR C 71 31.76 14.22 -18.01
N ASP C 72 32.12 13.03 -18.51
CA ASP C 72 33.07 12.93 -19.65
C ASP C 72 32.45 13.61 -20.86
N ALA C 73 31.12 13.58 -20.96
CA ALA C 73 30.41 14.22 -22.09
C ALA C 73 30.46 15.74 -21.96
N MET C 74 30.51 16.27 -20.74
CA MET C 74 30.62 17.75 -20.56
C MET C 74 31.97 18.18 -21.14
N TYR C 75 33.04 17.49 -20.77
CA TYR C 75 34.41 17.82 -21.26
C TYR C 75 34.49 17.70 -22.78
N ALA C 76 33.86 16.68 -23.36
CA ALA C 76 33.88 16.48 -24.82
C ALA C 76 33.11 17.61 -25.51
N LEU C 77 31.95 17.97 -24.99
CA LEU C 77 31.10 18.97 -25.70
C LEU C 77 31.57 20.40 -25.46
N LEU C 78 32.00 20.72 -24.24
CA LEU C 78 32.29 22.14 -23.90
C LEU C 78 33.78 22.48 -23.98
N GLY C 79 34.66 21.49 -23.98
CA GLY C 79 36.11 21.70 -24.04
C GLY C 79 36.55 22.61 -25.15
N PRO C 80 36.23 22.37 -26.45
CA PRO C 80 36.58 23.29 -27.52
C PRO C 80 36.44 24.79 -27.21
N ALA C 81 35.31 25.21 -26.65
CA ALA C 81 35.06 26.65 -26.41
C ALA C 81 35.02 26.94 -24.91
N ALA C 82 35.89 26.28 -24.15
CA ALA C 82 35.86 26.38 -22.68
C ALA C 82 36.21 27.79 -22.19
N ASP C 83 36.97 28.56 -22.96
CA ASP C 83 37.41 29.90 -22.51
C ASP C 83 36.20 30.85 -22.57
N ALA C 84 35.22 30.52 -23.40
CA ALA C 84 34.00 31.34 -23.50
C ALA C 84 32.99 30.94 -22.40
N LEU C 85 33.42 30.14 -21.43
CA LEU C 85 32.54 29.72 -20.29
C LEU C 85 32.63 30.73 -19.14
N ALA C 86 33.27 31.87 -19.35
CA ALA C 86 33.43 32.86 -18.27
C ALA C 86 32.09 33.52 -17.96
N GLY C 87 31.76 33.60 -16.67
CA GLY C 87 30.49 34.22 -16.23
C GLY C 87 29.29 33.38 -16.62
N LYS C 88 29.51 32.10 -16.92
CA LYS C 88 28.36 31.22 -17.22
C LYS C 88 28.02 30.40 -15.98
N VAL C 89 26.75 30.12 -15.79
CA VAL C 89 26.36 29.20 -14.69
C VAL C 89 25.99 27.89 -15.36
N VAL C 90 26.81 26.88 -15.14
CA VAL C 90 26.58 25.54 -15.74
C VAL C 90 25.89 24.68 -14.70
N VAL C 91 24.62 24.37 -14.94
CA VAL C 91 23.92 23.42 -14.05
C VAL C 91 24.02 22.05 -14.71
N ASN C 92 24.83 21.17 -14.14
CA ASN C 92 25.02 19.82 -14.69
C ASN C 92 24.08 18.86 -13.97
N LEU C 93 23.04 18.41 -14.67
CA LEU C 93 22.06 17.47 -14.09
C LEU C 93 22.45 16.06 -14.53
N SER C 94 23.75 15.82 -14.66
CA SER C 94 24.25 14.51 -15.13
C SER C 94 24.84 13.73 -13.97
N SER C 95 24.60 12.42 -13.95
CA SER C 95 25.15 11.55 -12.89
C SER C 95 26.64 11.35 -13.06
N ASP C 96 27.33 11.21 -11.93
CA ASP C 96 28.75 10.83 -11.89
C ASP C 96 29.12 10.66 -10.42
N THR C 97 30.36 10.24 -10.18
CA THR C 97 30.85 10.12 -8.81
C THR C 97 31.03 11.50 -8.19
N PRO C 98 30.92 11.67 -6.85
CA PRO C 98 31.20 12.96 -6.23
C PRO C 98 32.58 13.52 -6.60
N GLU C 99 33.60 12.66 -6.71
CA GLU C 99 34.98 13.12 -7.01
C GLU C 99 35.10 13.63 -8.44
N LYS C 100 34.42 13.00 -9.40
CA LYS C 100 34.47 13.43 -10.81
C LYS C 100 33.59 14.66 -10.97
N THR C 101 32.55 14.79 -10.16
CA THR C 101 31.69 15.99 -10.20
C THR C 101 32.51 17.16 -9.65
N ARG C 102 33.28 16.92 -8.58
CA ARG C 102 34.16 17.95 -7.99
C ARG C 102 35.23 18.36 -9.01
N ALA C 103 35.74 17.42 -9.80
CA ALA C 103 36.76 17.72 -10.82
C ALA C 103 36.13 18.54 -11.94
N GLY C 104 34.88 18.26 -12.28
CA GLY C 104 34.17 19.04 -13.31
C GLY C 104 33.92 20.47 -12.87
N ALA C 105 33.67 20.65 -11.58
CA ALA C 105 33.44 21.99 -11.03
C ALA C 105 34.74 22.78 -11.05
N ARG C 106 35.84 22.13 -10.69
CA ARG C 106 37.17 22.80 -10.72
C ARG C 106 37.47 23.18 -12.16
N TRP C 107 37.19 22.31 -13.13
CA TRP C 107 37.47 22.59 -14.56
C TRP C 107 36.66 23.80 -15.03
N ILE C 108 35.37 23.85 -14.76
CA ILE C 108 34.52 25.02 -15.13
C ILE C 108 35.05 26.26 -14.42
N ALA C 109 35.44 26.13 -13.16
CA ALA C 109 35.95 27.28 -12.38
C ALA C 109 37.31 27.76 -12.92
N GLU C 110 38.12 26.86 -13.47
CA GLU C 110 39.41 27.24 -14.10
C GLU C 110 39.13 28.07 -15.34
N HIS C 111 37.92 27.94 -15.90
CA HIS C 111 37.55 28.68 -17.12
C HIS C 111 36.64 29.85 -16.76
N GLY C 112 36.54 30.19 -15.47
CA GLY C 112 35.78 31.38 -15.05
C GLY C 112 34.29 31.22 -14.97
N GLY C 113 33.80 29.98 -15.08
CA GLY C 113 32.36 29.73 -14.92
C GLY C 113 32.05 29.16 -13.56
N THR C 114 30.78 28.91 -13.27
CA THR C 114 30.45 28.24 -12.00
C THR C 114 29.59 27.02 -12.33
N LEU C 115 29.97 25.87 -11.80
CA LEU C 115 29.20 24.63 -12.01
C LEU C 115 28.29 24.37 -10.82
N ILE C 116 27.01 24.13 -11.09
CA ILE C 116 26.09 23.69 -10.02
C ILE C 116 25.77 22.22 -10.33
N ALA C 117 26.05 21.34 -9.39
CA ALA C 117 25.78 19.90 -9.59
C ALA C 117 24.34 19.58 -9.24
N GLY C 118 23.73 18.73 -10.06
CA GLY C 118 22.34 18.33 -9.82
C GLY C 118 22.10 16.85 -9.95
N GLY C 119 21.25 16.31 -9.08
CA GLY C 119 20.83 14.90 -9.15
C GLY C 119 19.32 14.85 -9.15
N VAL C 120 18.73 14.69 -10.32
CA VAL C 120 17.25 14.70 -10.46
C VAL C 120 16.72 13.34 -10.01
N THR C 121 15.85 13.32 -9.00
CA THR C 121 15.35 12.06 -8.41
C THR C 121 13.98 11.69 -8.98
N CYS C 122 13.72 12.04 -10.23
CA CYS C 122 12.42 11.74 -10.87
C CYS C 122 12.65 11.19 -12.27
N PRO C 123 11.73 10.38 -12.86
CA PRO C 123 11.87 9.99 -14.25
C PRO C 123 11.47 11.16 -15.16
N PRO C 124 11.55 11.08 -16.51
CA PRO C 124 11.10 12.18 -17.36
C PRO C 124 9.64 12.60 -17.16
N SER C 125 8.76 11.64 -16.89
CA SER C 125 7.31 11.91 -16.67
C SER C 125 7.11 12.83 -15.47
N GLY C 126 8.09 12.87 -14.56
CA GLY C 126 7.98 13.69 -13.34
C GLY C 126 8.55 15.09 -13.54
N ILE C 127 9.22 15.36 -14.63
CA ILE C 127 9.69 16.76 -14.87
C ILE C 127 8.46 17.68 -14.98
N GLY C 128 8.45 18.76 -14.22
CA GLY C 128 7.32 19.70 -14.22
C GLY C 128 6.32 19.39 -13.12
N SER C 129 6.48 18.25 -12.47
CA SER C 129 5.55 17.87 -11.38
C SER C 129 6.02 18.49 -10.07
N PRO C 130 5.12 19.11 -9.25
CA PRO C 130 5.52 19.72 -7.98
C PRO C 130 6.07 18.72 -6.95
N GLU C 131 5.74 17.43 -7.10
CA GLU C 131 6.17 16.42 -6.12
C GLU C 131 7.57 15.90 -6.48
N SER C 132 8.04 16.23 -7.67
CA SER C 132 9.39 15.80 -8.10
C SER C 132 10.44 16.70 -7.44
N SER C 133 11.62 16.15 -7.20
CA SER C 133 12.68 16.91 -6.51
C SER C 133 14.05 16.65 -7.15
N ALA C 134 15.00 17.53 -6.90
CA ALA C 134 16.37 17.33 -7.39
C ALA C 134 17.38 17.82 -6.35
N PHE C 135 18.40 17.02 -6.11
CA PHE C 135 19.50 17.45 -5.23
C PHE C 135 20.31 18.49 -5.97
N TYR C 136 20.73 19.53 -5.26
CA TYR C 136 21.59 20.56 -5.87
C TYR C 136 22.71 20.91 -4.90
N SER C 137 23.93 20.97 -5.42
CA SER C 137 25.09 21.34 -4.59
C SER C 137 26.02 22.27 -5.38
N GLY C 138 26.98 22.87 -4.70
CA GLY C 138 27.87 23.85 -5.36
C GLY C 138 27.68 25.25 -4.81
N PRO C 139 28.41 26.28 -5.32
CA PRO C 139 28.26 27.66 -4.84
C PRO C 139 26.80 28.11 -4.67
N SER C 140 26.45 28.55 -3.45
CA SER C 140 25.06 28.94 -3.13
C SER C 140 24.61 30.14 -3.96
N ALA C 141 25.46 31.15 -4.13
CA ALA C 141 25.06 32.38 -4.84
C ALA C 141 24.55 32.07 -6.25
N ALA C 142 25.36 31.40 -7.07
CA ALA C 142 24.97 31.08 -8.47
C ALA C 142 23.72 30.21 -8.49
N PHE C 143 23.66 29.18 -7.64
CA PHE C 143 22.46 28.33 -7.54
C PHE C 143 21.25 29.19 -7.20
N GLU C 144 21.37 30.03 -6.17
CA GLU C 144 20.23 30.87 -5.70
C GLU C 144 19.88 31.96 -6.71
N ARG C 145 20.70 32.22 -7.72
CA ARG C 145 20.35 33.20 -8.77
C ARG C 145 19.43 32.55 -9.80
N HIS C 146 19.65 31.29 -10.12
CA HIS C 146 18.87 30.58 -11.16
C HIS C 146 17.92 29.55 -10.54
N ARG C 147 17.78 29.53 -9.21
CA ARG C 147 16.94 28.55 -8.50
C ARG C 147 15.50 28.58 -9.01
N GLU C 148 14.94 29.77 -9.24
CA GLU C 148 13.54 29.90 -9.72
C GLU C 148 13.36 29.24 -11.10
N THR C 149 14.33 29.36 -12.00
CA THR C 149 14.26 28.75 -13.34
C THR C 149 14.32 27.22 -13.18
N LEU C 150 15.16 26.75 -12.27
CA LEU C 150 15.29 25.29 -12.01
C LEU C 150 14.03 24.74 -11.34
N ARG C 151 13.27 25.59 -10.65
CA ARG C 151 12.02 25.19 -9.97
C ARG C 151 10.94 24.83 -11.01
N THR C 152 11.13 25.19 -12.27
CA THR C 152 10.18 24.81 -13.34
C THR C 152 10.31 23.30 -13.58
N LEU C 153 11.51 22.75 -13.40
CA LEU C 153 11.78 21.32 -13.65
C LEU C 153 11.33 20.48 -12.46
N THR C 154 11.81 20.83 -11.27
CA THR C 154 11.50 20.08 -10.03
C THR C 154 11.67 20.99 -8.82
N ARG C 155 11.34 20.48 -7.63
CA ARG C 155 11.66 21.23 -6.40
C ARG C 155 13.18 21.19 -6.25
N THR C 156 13.73 22.25 -5.68
CA THR C 156 15.20 22.32 -5.51
C THR C 156 15.57 21.98 -4.05
N ASP C 157 16.45 21.00 -3.86
CA ASP C 157 16.93 20.63 -2.52
C ASP C 157 18.44 20.92 -2.45
N TYR C 158 18.81 22.06 -1.86
CA TYR C 158 20.23 22.43 -1.70
C TYR C 158 20.87 21.57 -0.61
N ARG C 159 21.96 20.90 -0.95
CA ARG C 159 22.60 19.96 -0.01
C ARG C 159 23.91 20.55 0.53
N GLY C 160 24.38 21.66 -0.05
CA GLY C 160 25.60 22.30 0.47
C GLY C 160 26.53 22.85 -0.58
N GLU C 161 27.65 23.42 -0.17
CA GLU C 161 28.56 24.11 -1.12
C GLU C 161 29.45 23.15 -1.90
N ASP C 162 29.75 21.98 -1.35
CA ASP C 162 30.57 20.98 -2.06
C ASP C 162 29.78 20.43 -3.24
N PRO C 163 30.22 20.61 -4.53
CA PRO C 163 29.50 20.05 -5.67
C PRO C 163 29.34 18.52 -5.65
N GLY C 164 30.21 17.81 -4.95
CA GLY C 164 30.10 16.35 -4.85
C GLY C 164 28.92 15.88 -4.02
N LEU C 165 28.27 16.76 -3.28
CA LEU C 165 27.20 16.33 -2.35
C LEU C 165 25.95 15.89 -3.11
N ALA C 166 25.51 16.66 -4.10
CA ALA C 166 24.34 16.26 -4.91
C ALA C 166 24.57 14.87 -5.48
N ALA C 167 25.76 14.63 -6.03
CA ALA C 167 26.08 13.33 -6.64
C ALA C 167 26.09 12.22 -5.57
N LEU C 168 26.66 12.46 -4.40
CA LEU C 168 26.68 11.46 -3.31
C LEU C 168 25.24 11.10 -2.95
N TRP C 169 24.41 12.09 -2.68
CA TRP C 169 22.99 11.86 -2.28
C TRP C 169 22.24 11.13 -3.39
N TYR C 170 22.58 11.41 -4.65
CA TYR C 170 21.96 10.73 -5.80
C TYR C 170 22.32 9.24 -5.78
N GLN C 171 23.61 8.92 -5.66
CA GLN C 171 24.06 7.51 -5.65
C GLN C 171 23.54 6.78 -4.42
N ILE C 172 23.41 7.45 -3.27
CA ILE C 172 22.85 6.82 -2.04
C ILE C 172 21.46 6.27 -2.36
N GLY C 173 20.64 7.05 -3.05
CA GLY C 173 19.31 6.58 -3.46
C GLY C 173 19.33 5.61 -4.61
N MET C 174 20.19 5.84 -5.60
CA MET C 174 20.23 5.00 -6.82
C MET C 174 20.71 3.58 -6.53
N VAL C 175 21.59 3.37 -5.54
CA VAL C 175 22.03 2.00 -5.18
C VAL C 175 20.83 1.22 -4.61
N MET C 176 19.92 1.92 -3.95
CA MET C 176 18.70 1.27 -3.44
C MET C 176 17.74 1.03 -4.61
N TRP C 177 17.52 2.05 -5.45
CA TRP C 177 16.57 1.95 -6.60
C TRP C 177 16.98 0.81 -7.54
N TRP C 178 18.22 0.80 -8.00
CA TRP C 178 18.68 -0.23 -8.97
C TRP C 178 18.54 -1.63 -8.36
N ASN C 179 18.89 -1.79 -7.10
CA ASN C 179 18.86 -3.14 -6.48
C ASN C 179 17.41 -3.60 -6.35
N ALA C 180 16.50 -2.70 -6.00
CA ALA C 180 15.07 -3.03 -5.88
C ALA C 180 14.49 -3.42 -7.25
N MET C 181 14.83 -2.66 -8.28
CA MET C 181 14.29 -2.91 -9.63
C MET C 181 14.91 -4.16 -10.26
N LEU C 182 16.16 -4.50 -9.93
CA LEU C 182 16.77 -5.76 -10.41
C LEU C 182 16.09 -6.91 -9.67
N GLY C 183 15.74 -6.69 -8.40
CA GLY C 183 14.94 -7.69 -7.67
C GLY C 183 13.59 -7.88 -8.33
N TYR C 184 12.98 -6.80 -8.81
CA TYR C 184 11.70 -6.89 -9.54
C TYR C 184 11.87 -7.70 -10.82
N LEU C 185 12.86 -7.38 -11.65
CA LEU C 185 13.10 -8.12 -12.92
C LEU C 185 13.23 -9.61 -12.62
N GLN C 186 13.92 -9.97 -11.53
CA GLN C 186 14.11 -11.39 -11.17
C GLN C 186 12.77 -11.99 -10.76
N ALA C 187 12.01 -11.30 -9.94
CA ALA C 187 10.65 -11.76 -9.55
C ALA C 187 9.83 -12.00 -10.81
N VAL C 188 9.89 -11.09 -11.77
CA VAL C 188 9.11 -11.18 -13.04
C VAL C 188 9.60 -12.39 -13.85
N ALA C 189 10.91 -12.67 -13.86
CA ALA C 189 11.45 -13.85 -14.57
C ALA C 189 11.04 -15.16 -13.88
N LEU C 190 11.15 -15.24 -12.55
CA LEU C 190 10.67 -16.44 -11.81
C LEU C 190 9.18 -16.59 -12.08
N ALA C 191 8.44 -15.48 -12.07
CA ALA C 191 7.00 -15.53 -12.35
C ALA C 191 6.76 -16.10 -13.74
N ASP C 192 7.44 -15.59 -14.76
CA ASP C 192 7.23 -16.05 -16.16
C ASP C 192 7.50 -17.54 -16.28
N ALA C 193 8.51 -18.04 -15.59
CA ALA C 193 8.88 -19.47 -15.67
C ALA C 193 7.78 -20.31 -15.04
N ASN C 194 6.91 -19.68 -14.25
CA ASN C 194 5.86 -20.43 -13.54
C ASN C 194 4.47 -20.02 -14.03
N GLY C 195 4.37 -19.50 -15.26
CA GLY C 195 3.07 -19.17 -15.86
C GLY C 195 2.45 -17.87 -15.36
N LEU C 196 3.21 -17.06 -14.63
CA LEU C 196 2.67 -15.82 -14.04
C LEU C 196 3.26 -14.62 -14.76
N LYS C 197 2.39 -13.71 -15.17
CA LYS C 197 2.86 -12.46 -15.80
C LYS C 197 3.23 -11.44 -14.73
N ALA C 198 3.85 -10.34 -15.13
CA ALA C 198 4.21 -9.26 -14.18
C ALA C 198 2.95 -8.67 -13.55
N ALA C 199 1.88 -8.54 -14.33
CA ALA C 199 0.59 -8.01 -13.82
C ALA C 199 0.03 -8.93 -12.72
N ASP C 200 0.27 -10.23 -12.81
CA ASP C 200 -0.21 -11.18 -11.78
C ASP C 200 0.56 -10.95 -10.47
N ILE C 201 1.83 -10.60 -10.54
CA ILE C 201 2.66 -10.41 -9.32
C ILE C 201 2.71 -8.94 -8.89
N LEU C 202 2.22 -8.03 -9.71
CA LEU C 202 2.31 -6.57 -9.42
C LEU C 202 1.73 -6.23 -8.03
N PRO C 203 0.50 -6.63 -7.60
CA PRO C 203 0.04 -6.33 -6.23
C PRO C 203 0.99 -6.75 -5.09
N HIS C 204 1.46 -7.99 -5.11
CA HIS C 204 2.39 -8.50 -4.06
C HIS C 204 3.72 -7.76 -4.14
N ALA C 205 4.20 -7.52 -5.36
CA ALA C 205 5.46 -6.78 -5.56
C ALA C 205 5.30 -5.38 -4.96
N SER C 206 4.16 -4.75 -5.21
CA SER C 206 3.91 -3.37 -4.73
C SER C 206 3.79 -3.34 -3.19
N ASP C 207 3.09 -4.30 -2.60
CA ASP C 207 2.98 -4.38 -1.12
C ASP C 207 4.35 -4.67 -0.51
N THR C 208 5.18 -5.47 -1.19
CA THR C 208 6.54 -5.81 -0.69
C THR C 208 7.39 -4.53 -0.59
N VAL C 209 7.39 -3.70 -1.63
CA VAL C 209 8.23 -2.47 -1.66
C VAL C 209 7.62 -1.35 -0.80
N ALA C 210 6.32 -1.38 -0.58
CA ALA C 210 5.64 -0.34 0.23
C ALA C 210 5.81 -0.62 1.72
N GLY C 211 6.10 -1.87 2.09
CA GLY C 211 6.36 -2.22 3.50
C GLY C 211 7.80 -1.97 3.90
N LEU C 212 8.64 -1.57 2.95
CA LEU C 212 10.08 -1.34 3.20
C LEU C 212 10.32 -0.16 4.16
N PRO C 213 9.63 1.01 4.14
CA PRO C 213 9.93 2.08 5.09
C PRO C 213 9.92 1.66 6.57
N PHE C 214 9.08 0.70 6.95
CA PHE C 214 9.09 0.18 8.34
C PHE C 214 10.47 -0.38 8.65
N PHE C 215 11.02 -1.18 7.74
CA PHE C 215 12.32 -1.84 7.95
C PHE C 215 13.45 -0.83 7.90
N LEU C 216 13.28 0.21 7.09
CA LEU C 216 14.31 1.25 6.99
C LEU C 216 14.45 1.91 8.36
N ARG C 217 13.34 2.25 9.01
CA ARG C 217 13.34 2.84 10.37
C ARG C 217 13.83 1.82 11.40
N PHE C 218 13.28 0.60 11.37
CA PHE C 218 13.69 -0.47 12.30
C PHE C 218 15.21 -0.60 12.33
N TYR C 219 15.84 -0.75 11.16
CA TYR C 219 17.30 -1.01 11.11
C TYR C 219 18.11 0.28 11.20
N ALA C 220 17.59 1.42 10.74
CA ALA C 220 18.33 2.70 10.89
C ALA C 220 18.76 2.91 12.35
N ASP C 221 17.80 2.86 13.26
CA ASP C 221 18.09 3.11 14.68
C ASP C 221 19.08 2.06 15.17
N ARG C 222 18.82 0.80 14.84
CA ARG C 222 19.68 -0.31 15.34
C ARG C 222 21.11 -0.16 14.82
N ILE C 223 21.31 0.10 13.53
CA ILE C 223 22.68 0.18 12.93
C ILE C 223 23.44 1.35 13.53
N ASP C 224 22.77 2.49 13.70
CA ASP C 224 23.42 3.70 14.24
C ASP C 224 23.96 3.46 15.66
N THR C 225 23.27 2.64 16.46
CA THR C 225 23.68 2.38 17.86
C THR C 225 24.45 1.04 17.94
N GLY C 226 24.75 0.41 16.81
CA GLY C 226 25.51 -0.85 16.78
C GLY C 226 24.74 -2.04 17.32
N HIS C 227 23.42 -1.93 17.42
CA HIS C 227 22.59 -3.07 17.88
C HIS C 227 22.28 -4.00 16.70
N HIS C 228 22.85 -5.20 16.72
CA HIS C 228 22.64 -6.18 15.62
C HIS C 228 22.24 -7.55 16.18
N GLY C 229 21.43 -7.56 17.22
CA GLY C 229 20.94 -8.83 17.78
C GLY C 229 19.89 -9.48 16.90
N GLY C 230 19.69 -10.79 17.09
CA GLY C 230 18.68 -11.52 16.32
C GLY C 230 17.29 -11.37 16.88
N ASP C 231 16.95 -10.18 17.34
CA ASP C 231 15.63 -9.94 17.98
C ASP C 231 14.52 -10.28 16.98
N ALA C 232 14.60 -9.74 15.77
CA ALA C 232 13.54 -9.97 14.78
C ALA C 232 14.01 -10.93 13.70
N ASP C 233 15.33 -11.07 13.52
CA ASP C 233 15.87 -11.94 12.45
C ASP C 233 17.29 -12.43 12.75
N ARG C 234 17.63 -13.63 12.28
CA ARG C 234 19.01 -14.15 12.40
C ARG C 234 19.59 -14.33 11.00
N LEU C 235 20.87 -14.01 10.81
CA LEU C 235 21.52 -14.11 9.49
C LEU C 235 21.37 -15.51 8.92
N ALA C 236 21.43 -16.54 9.76
CA ALA C 236 21.40 -17.93 9.24
C ALA C 236 20.03 -18.20 8.62
N MET C 237 18.95 -17.73 9.25
CA MET C 237 17.60 -17.86 8.65
C MET C 237 17.60 -17.14 7.31
N GLY C 238 18.23 -15.97 7.25
CA GLY C 238 18.33 -15.20 6.00
C GLY C 238 19.15 -15.88 4.94
N THR C 239 20.26 -16.53 5.32
CA THR C 239 21.14 -17.25 4.36
C THR C 239 20.33 -18.41 3.77
N ALA C 240 19.47 -19.02 4.56
CA ALA C 240 18.57 -20.08 4.02
C ALA C 240 17.56 -19.45 3.07
N SER C 241 17.01 -18.27 3.41
CA SER C 241 16.01 -17.61 2.55
C SER C 241 16.63 -17.31 1.19
N VAL C 242 17.84 -16.77 1.18
CA VAL C 242 18.51 -16.42 -0.10
C VAL C 242 18.91 -17.70 -0.83
N GLU C 243 19.21 -18.76 -0.10
CA GLU C 243 19.50 -20.06 -0.76
C GLU C 243 18.21 -20.60 -1.37
N HIS C 244 17.08 -20.44 -0.67
CA HIS C 244 15.79 -20.87 -1.24
C HIS C 244 15.51 -20.08 -2.50
N ILE C 245 15.84 -18.79 -2.52
CA ILE C 245 15.62 -17.94 -3.72
C ILE C 245 16.50 -18.49 -4.85
N LEU C 246 17.79 -18.68 -4.59
CA LEU C 246 18.75 -19.18 -5.61
C LEU C 246 18.25 -20.49 -6.19
N HIS C 247 17.88 -21.43 -5.33
CA HIS C 247 17.47 -22.77 -5.81
C HIS C 247 16.09 -22.72 -6.48
N THR C 248 15.16 -21.91 -5.97
CA THR C 248 13.84 -21.75 -6.63
C THR C 248 14.09 -21.25 -8.05
N MET C 249 15.00 -20.29 -8.18
CA MET C 249 15.28 -19.71 -9.51
C MET C 249 15.98 -20.73 -10.41
N ALA C 250 16.88 -21.53 -9.84
CA ALA C 250 17.58 -22.58 -10.62
C ALA C 250 16.59 -23.69 -11.03
N ASP C 251 15.74 -24.11 -10.10
CA ASP C 251 14.76 -25.19 -10.38
C ASP C 251 13.78 -24.72 -11.46
N SER C 252 13.65 -23.40 -11.63
CA SER C 252 12.69 -22.86 -12.62
C SER C 252 13.41 -22.43 -13.91
N GLY C 253 14.74 -22.54 -13.96
CA GLY C 253 15.50 -22.24 -15.18
C GLY C 253 15.90 -20.78 -15.30
N VAL C 254 15.89 -20.05 -14.20
CA VAL C 254 16.16 -18.58 -14.24
C VAL C 254 17.64 -18.34 -13.95
N ASP C 255 18.22 -17.33 -14.61
CA ASP C 255 19.63 -16.96 -14.37
C ASP C 255 19.88 -16.82 -12.86
N THR C 256 21.00 -17.35 -12.39
CA THR C 256 21.28 -17.37 -10.94
C THR C 256 22.49 -16.48 -10.57
N ALA C 257 22.93 -15.60 -11.45
CA ALA C 257 24.13 -14.78 -11.17
C ALA C 257 23.89 -13.80 -10.02
N LEU C 258 22.83 -12.99 -10.12
CA LEU C 258 22.47 -12.04 -9.03
C LEU C 258 22.15 -12.81 -7.74
N PRO C 259 21.28 -13.85 -7.68
CA PRO C 259 21.08 -14.58 -6.43
C PRO C 259 22.38 -15.23 -5.89
N GLU C 260 23.28 -15.68 -6.76
CA GLU C 260 24.58 -16.24 -6.27
C GLU C 260 25.37 -15.14 -5.55
N ALA C 261 25.41 -13.93 -6.10
CA ALA C 261 26.12 -12.82 -5.45
C ALA C 261 25.51 -12.53 -4.07
N VAL C 262 24.19 -12.65 -3.94
CA VAL C 262 23.52 -12.38 -2.63
C VAL C 262 23.90 -13.49 -1.65
N VAL C 263 23.89 -14.75 -2.08
CA VAL C 263 24.23 -15.90 -1.20
C VAL C 263 25.69 -15.80 -0.78
N ALA C 264 26.57 -15.42 -1.70
CA ALA C 264 28.01 -15.24 -1.37
C ALA C 264 28.16 -14.17 -0.27
N PHE C 265 27.41 -13.08 -0.37
CA PHE C 265 27.52 -11.99 0.63
C PHE C 265 27.05 -12.50 1.98
N PHE C 266 25.98 -13.29 2.00
CA PHE C 266 25.46 -13.86 3.26
C PHE C 266 26.44 -14.89 3.82
N ARG C 267 27.14 -15.60 2.96
CA ARG C 267 28.14 -16.60 3.41
C ARG C 267 29.34 -15.87 4.03
N ARG C 268 29.73 -14.70 3.51
CA ARG C 268 30.81 -13.90 4.14
C ARG C 268 30.38 -13.48 5.55
N GLY C 269 29.09 -13.15 5.73
CA GLY C 269 28.58 -12.75 7.06
C GLY C 269 28.60 -13.90 8.04
N GLU C 270 28.24 -15.10 7.59
CA GLU C 270 28.31 -16.29 8.46
C GLU C 270 29.76 -16.66 8.77
N ALA C 271 30.68 -16.43 7.84
CA ALA C 271 32.13 -16.69 8.06
C ALA C 271 32.68 -15.72 9.10
N ALA C 272 32.09 -14.54 9.22
CA ALA C 272 32.53 -13.54 10.22
C ALA C 272 31.88 -13.82 11.57
N GLY C 273 31.04 -14.85 11.65
CA GLY C 273 30.42 -15.26 12.92
C GLY C 273 29.13 -14.50 13.21
N TYR C 274 28.50 -13.96 12.18
CA TYR C 274 27.28 -13.13 12.36
C TYR C 274 26.03 -14.00 12.23
N ALA C 275 26.18 -15.30 12.09
CA ALA C 275 25.04 -16.23 11.88
C ALA C 275 23.88 -16.00 12.86
N GLU C 276 24.19 -15.80 14.14
CA GLU C 276 23.13 -15.65 15.17
C GLU C 276 22.75 -14.17 15.30
N ASN C 277 23.47 -13.28 14.63
CA ASN C 277 23.17 -11.83 14.65
C ASN C 277 22.16 -11.45 13.57
N SER C 278 21.65 -10.21 13.61
CA SER C 278 20.74 -9.73 12.55
C SER C 278 21.49 -9.63 11.22
N PHE C 279 20.77 -9.74 10.10
CA PHE C 279 21.39 -9.55 8.78
C PHE C 279 21.97 -8.14 8.71
N SER C 280 21.48 -7.24 9.55
CA SER C 280 21.98 -5.85 9.62
C SER C 280 23.46 -5.82 9.98
N SER C 281 23.95 -6.88 10.63
CA SER C 281 25.37 -6.98 11.02
C SER C 281 26.30 -6.96 9.81
N MET C 282 25.77 -7.21 8.61
CA MET C 282 26.61 -7.28 7.40
C MET C 282 26.95 -5.88 6.86
N VAL C 283 26.53 -4.81 7.53
CA VAL C 283 26.93 -3.43 7.12
C VAL C 283 28.38 -3.22 7.59
N GLU C 284 28.80 -3.91 8.65
CA GLU C 284 30.20 -3.82 9.15
C GLU C 284 31.14 -4.41 8.09
N LEU C 285 30.67 -5.38 7.31
CA LEU C 285 31.47 -5.95 6.20
C LEU C 285 31.59 -4.96 5.04
N LEU C 286 30.61 -4.08 4.87
CA LEU C 286 30.61 -3.13 3.73
C LEU C 286 31.29 -1.84 4.10
N LYS C 287 31.24 -1.47 5.38
CA LYS C 287 31.73 -0.15 5.82
C LYS C 287 33.23 0.04 5.60
N LYS C 288 33.64 1.30 5.46
CA LYS C 288 35.07 1.63 5.30
C LYS C 288 35.81 1.28 6.59
N PRO C 289 36.89 0.46 6.54
CA PRO C 289 37.67 0.17 7.73
C PRO C 289 38.06 1.49 8.42
N ARG D 3 -15.48 -19.31 18.12
CA ARG D 3 -15.12 -20.30 19.19
C ARG D 3 -13.64 -20.66 18.99
N PRO D 4 -12.67 -19.92 19.57
CA PRO D 4 -11.24 -20.14 19.29
C PRO D 4 -10.77 -21.58 19.51
N ALA D 5 -10.42 -22.27 18.42
CA ALA D 5 -10.02 -23.69 18.47
C ALA D 5 -8.60 -23.89 19.01
N PRO D 6 -8.34 -25.02 19.68
CA PRO D 6 -7.00 -25.33 20.13
C PRO D 6 -6.04 -25.78 19.01
N LEU D 7 -4.73 -25.66 19.25
CA LEU D 7 -3.73 -26.02 18.21
C LEU D 7 -2.36 -26.23 18.85
N THR D 8 -1.43 -26.80 18.09
CA THR D 8 -0.05 -27.01 18.56
C THR D 8 0.90 -26.15 17.73
N LEU D 9 1.85 -25.48 18.37
CA LEU D 9 2.86 -24.67 17.65
C LEU D 9 4.26 -25.22 17.94
N ILE D 10 4.96 -25.63 16.89
CA ILE D 10 6.35 -26.13 17.03
C ILE D 10 7.23 -25.15 16.27
N GLY D 11 8.27 -24.65 16.92
CA GLY D 11 9.13 -23.64 16.29
C GLY D 11 8.91 -22.32 16.97
N LEU D 12 9.70 -22.04 18.00
CA LEU D 12 9.46 -20.81 18.80
C LEU D 12 10.63 -19.86 18.62
N GLY D 13 11.00 -19.63 17.37
CA GLY D 13 12.04 -18.61 17.09
C GLY D 13 11.37 -17.26 16.95
N PRO D 14 12.00 -16.23 16.31
CA PRO D 14 11.36 -14.92 16.26
C PRO D 14 9.88 -14.96 15.83
N MET D 15 9.59 -15.71 14.76
CA MET D 15 8.20 -15.74 14.23
C MET D 15 7.29 -16.56 15.16
N GLY D 16 7.73 -17.75 15.57
CA GLY D 16 6.89 -18.62 16.41
C GLY D 16 6.50 -18.01 17.74
N GLN D 17 7.40 -17.23 18.33
CA GLN D 17 7.11 -16.60 19.63
C GLN D 17 5.97 -15.60 19.45
N ALA D 18 6.06 -14.80 18.39
CA ALA D 18 4.99 -13.82 18.08
C ALA D 18 3.68 -14.55 17.77
N MET D 19 3.78 -15.67 17.06
CA MET D 19 2.58 -16.44 16.68
C MET D 19 1.87 -16.92 17.93
N GLY D 20 2.56 -17.64 18.81
CA GLY D 20 1.97 -18.11 20.07
C GLY D 20 1.49 -16.93 20.87
N ASN D 21 2.18 -15.82 20.74
CA ASN D 21 1.72 -14.59 21.42
C ASN D 21 0.32 -14.22 20.95
N ALA D 22 0.09 -14.22 19.65
CA ALA D 22 -1.21 -13.79 19.10
C ALA D 22 -2.27 -14.85 19.36
N LEU D 23 -1.90 -16.12 19.29
CA LEU D 23 -2.89 -17.21 19.47
C LEU D 23 -3.44 -17.17 20.90
N LEU D 24 -2.59 -16.90 21.89
CA LEU D 24 -3.05 -16.80 23.30
C LEU D 24 -3.90 -15.54 23.50
N ASP D 25 -3.49 -14.42 22.90
CA ASP D 25 -4.26 -13.15 22.99
C ASP D 25 -5.67 -13.36 22.46
N ARG D 26 -5.82 -14.15 21.38
CA ARG D 26 -7.15 -14.39 20.74
C ARG D 26 -8.01 -15.30 21.61
N GLY D 27 -7.42 -16.30 22.26
CA GLY D 27 -8.17 -17.21 23.17
C GLY D 27 -7.95 -18.67 22.82
N HIS D 28 -6.94 -18.94 22.00
CA HIS D 28 -6.71 -20.33 21.53
C HIS D 28 -6.02 -21.17 22.59
N GLY D 29 -6.48 -22.42 22.76
CA GLY D 29 -5.78 -23.35 23.65
C GLY D 29 -4.50 -23.76 22.96
N LEU D 30 -3.37 -23.27 23.42
CA LEU D 30 -2.11 -23.52 22.69
C LEU D 30 -1.21 -24.54 23.36
N THR D 31 -0.74 -25.51 22.60
CA THR D 31 0.26 -26.47 23.12
C THR D 31 1.53 -26.16 22.36
N VAL D 32 2.66 -25.96 23.05
CA VAL D 32 3.88 -25.55 22.30
C VAL D 32 5.03 -26.54 22.47
N TRP D 33 6.07 -26.39 21.67
CA TRP D 33 7.32 -27.20 21.80
C TRP D 33 8.44 -26.52 21.00
N ASN D 34 9.65 -26.48 21.55
CA ASN D 34 10.82 -25.92 20.83
C ASN D 34 12.10 -26.71 21.19
N ARG D 35 13.05 -26.81 20.25
CA ARG D 35 14.35 -27.49 20.50
C ARG D 35 15.02 -26.82 21.71
N THR D 36 15.19 -25.50 21.67
CA THR D 36 15.69 -24.78 22.87
C THR D 36 14.47 -24.55 23.76
N ALA D 37 14.30 -25.35 24.80
CA ALA D 37 13.09 -25.24 25.65
C ALA D 37 12.94 -23.84 26.25
N SER D 38 14.02 -23.14 26.62
CA SER D 38 13.89 -21.83 27.29
C SER D 38 12.99 -20.85 26.51
N ARG D 39 12.85 -21.03 25.19
CA ARG D 39 12.08 -20.08 24.35
C ARG D 39 10.58 -20.19 24.60
N ALA D 40 10.13 -21.27 25.24
CA ALA D 40 8.70 -21.44 25.55
C ALA D 40 8.37 -20.92 26.96
N ASP D 41 9.35 -20.41 27.71
CA ASP D 41 9.12 -20.01 29.13
C ASP D 41 8.00 -18.98 29.23
N ALA D 42 8.20 -17.82 28.59
CA ALA D 42 7.20 -16.75 28.67
C ALA D 42 5.86 -17.31 28.21
N LEU D 43 5.85 -18.07 27.11
CA LEU D 43 4.57 -18.56 26.55
C LEU D 43 3.86 -19.45 27.60
N VAL D 44 4.59 -20.28 28.33
CA VAL D 44 3.96 -21.21 29.32
C VAL D 44 3.46 -20.38 30.50
N GLU D 45 4.20 -19.36 30.90
CA GLU D 45 3.75 -18.45 31.97
C GLU D 45 2.44 -17.80 31.55
N ARG D 46 2.26 -17.51 30.25
CA ARG D 46 1.04 -16.82 29.78
C ARG D 46 -0.14 -17.78 29.69
N GLY D 47 0.11 -19.09 29.66
CA GLY D 47 -1.00 -20.06 29.68
C GLY D 47 -0.79 -21.25 28.75
N ALA D 48 0.35 -21.31 28.06
CA ALA D 48 0.59 -22.39 27.08
C ALA D 48 0.92 -23.71 27.79
N VAL D 49 0.63 -24.81 27.12
CA VAL D 49 1.00 -26.14 27.68
C VAL D 49 2.36 -26.49 27.10
N ARG D 50 3.38 -26.62 27.94
CA ARG D 50 4.68 -27.10 27.42
C ARG D 50 4.55 -28.59 27.24
N ALA D 51 4.59 -29.04 25.99
CA ALA D 51 4.55 -30.47 25.71
C ALA D 51 5.92 -31.07 26.02
N PRO D 52 6.05 -32.25 26.68
CA PRO D 52 7.37 -32.74 27.06
C PRO D 52 8.25 -33.10 25.86
N ASP D 53 7.64 -33.61 24.80
CA ASP D 53 8.42 -34.03 23.60
C ASP D 53 7.66 -33.64 22.32
N VAL D 54 8.24 -33.92 21.16
CA VAL D 54 7.60 -33.56 19.84
C VAL D 54 6.35 -34.39 19.63
N ALA D 55 6.41 -35.68 19.94
CA ALA D 55 5.25 -36.57 19.71
C ALA D 55 4.06 -36.06 20.49
N ALA D 56 4.26 -35.70 21.74
CA ALA D 56 3.11 -35.28 22.58
C ALA D 56 2.52 -34.01 21.98
N ALA D 57 3.38 -33.15 21.44
CA ALA D 57 2.90 -31.91 20.79
C ALA D 57 1.97 -32.27 19.63
N VAL D 58 2.39 -33.18 18.76
CA VAL D 58 1.57 -33.59 17.59
C VAL D 58 0.25 -34.21 18.07
N ALA D 59 0.29 -35.05 19.09
CA ALA D 59 -0.93 -35.79 19.54
C ALA D 59 -1.93 -34.89 20.25
N ALA D 60 -1.49 -33.74 20.75
CA ALA D 60 -2.40 -32.88 21.53
C ALA D 60 -3.49 -32.28 20.65
N ASN D 61 -3.17 -31.99 19.38
CA ASN D 61 -4.16 -31.29 18.50
C ASN D 61 -4.09 -31.82 17.07
N GLU D 62 -5.16 -31.67 16.29
CA GLU D 62 -5.12 -32.03 14.85
C GLU D 62 -4.27 -31.01 14.12
N LEU D 63 -4.42 -29.73 14.50
CA LEU D 63 -3.68 -28.65 13.79
C LEU D 63 -2.29 -28.50 14.40
N VAL D 64 -1.27 -28.79 13.61
CA VAL D 64 0.13 -28.61 14.07
C VAL D 64 0.77 -27.55 13.17
N VAL D 65 1.19 -26.44 13.76
CA VAL D 65 1.80 -25.32 12.99
C VAL D 65 3.31 -25.30 13.23
N LEU D 66 4.08 -25.28 12.16
CA LEU D 66 5.56 -25.26 12.27
C LEU D 66 6.14 -23.92 11.83
N SER D 67 7.04 -23.32 12.63
CA SER D 67 7.77 -22.10 12.22
C SER D 67 9.26 -22.41 12.36
N LEU D 68 9.86 -23.02 11.33
CA LEU D 68 11.28 -23.44 11.37
C LEU D 68 12.06 -22.84 10.18
N THR D 69 13.40 -22.93 10.21
CA THR D 69 14.25 -22.28 9.17
C THR D 69 13.93 -22.85 7.80
N ASP D 70 13.72 -24.16 7.74
CA ASP D 70 13.49 -24.81 6.43
C ASP D 70 12.64 -26.07 6.57
N TYR D 71 12.45 -26.77 5.46
CA TYR D 71 11.62 -27.99 5.46
C TYR D 71 12.44 -29.18 5.98
N ASP D 72 13.76 -29.11 5.89
CA ASP D 72 14.63 -30.18 6.44
C ASP D 72 14.34 -30.32 7.94
N ALA D 73 14.12 -29.20 8.61
CA ALA D 73 13.86 -29.22 10.06
C ALA D 73 12.52 -29.90 10.37
N MET D 74 11.57 -29.89 9.44
CA MET D 74 10.29 -30.62 9.67
C MET D 74 10.59 -32.11 9.77
N TYR D 75 11.49 -32.60 8.91
CA TYR D 75 11.86 -34.04 8.94
C TYR D 75 12.58 -34.36 10.25
N ALA D 76 13.52 -33.52 10.65
CA ALA D 76 14.32 -33.77 11.86
C ALA D 76 13.40 -33.82 13.07
N LEU D 77 12.35 -33.00 13.09
CA LEU D 77 11.50 -32.94 14.31
C LEU D 77 10.36 -33.96 14.25
N LEU D 78 9.67 -34.08 13.12
CA LEU D 78 8.46 -34.96 13.07
C LEU D 78 8.82 -36.38 12.68
N GLY D 79 10.01 -36.59 12.10
CA GLY D 79 10.47 -37.94 11.69
C GLY D 79 10.24 -39.00 12.75
N PRO D 80 10.88 -38.96 13.94
CA PRO D 80 10.73 -40.03 14.94
C PRO D 80 9.30 -40.54 15.15
N ALA D 81 8.32 -39.65 15.32
CA ALA D 81 6.92 -40.08 15.57
C ALA D 81 6.06 -39.82 14.34
N ALA D 82 6.61 -40.02 13.14
CA ALA D 82 5.88 -39.72 11.89
C ALA D 82 4.63 -40.58 11.74
N ASP D 83 4.61 -41.79 12.30
CA ASP D 83 3.43 -42.66 12.03
C ASP D 83 2.21 -42.11 12.78
N ALA D 84 2.44 -41.32 13.82
CA ALA D 84 1.34 -40.69 14.59
C ALA D 84 0.85 -39.40 13.91
N LEU D 85 1.38 -39.07 12.73
CA LEU D 85 0.93 -37.86 11.98
C LEU D 85 -0.35 -38.19 11.22
N ALA D 86 -0.90 -39.39 11.41
CA ALA D 86 -2.16 -39.77 10.74
C ALA D 86 -3.31 -38.89 11.24
N GLY D 87 -4.12 -38.39 10.32
CA GLY D 87 -5.28 -37.53 10.68
C GLY D 87 -4.86 -36.15 11.13
N LYS D 88 -3.58 -35.81 10.97
CA LYS D 88 -3.09 -34.50 11.45
C LYS D 88 -2.94 -33.55 10.26
N VAL D 89 -3.28 -32.29 10.46
CA VAL D 89 -3.04 -31.28 9.41
C VAL D 89 -1.83 -30.46 9.85
N VAL D 90 -0.75 -30.57 9.10
CA VAL D 90 0.50 -29.83 9.41
C VAL D 90 0.56 -28.57 8.55
N VAL D 91 0.41 -27.42 9.18
CA VAL D 91 0.55 -26.14 8.45
C VAL D 91 2.01 -25.71 8.60
N ASN D 92 2.77 -25.81 7.52
CA ASN D 92 4.21 -25.45 7.55
C ASN D 92 4.40 -24.03 7.08
N LEU D 93 4.68 -23.13 8.01
CA LEU D 93 4.92 -21.70 7.70
C LEU D 93 6.42 -21.48 7.53
N SER D 94 7.10 -22.46 6.95
CA SER D 94 8.58 -22.36 6.82
C SER D 94 8.99 -22.13 5.38
N SER D 95 9.96 -21.24 5.16
CA SER D 95 10.47 -20.96 3.81
C SER D 95 11.22 -22.14 3.23
N ASP D 96 10.99 -22.41 1.96
CA ASP D 96 11.77 -23.42 1.22
C ASP D 96 11.43 -23.26 -0.25
N THR D 97 12.09 -24.05 -1.09
CA THR D 97 11.79 -23.99 -2.54
C THR D 97 10.46 -24.68 -2.83
N PRO D 98 9.72 -24.30 -3.92
CA PRO D 98 8.51 -25.01 -4.29
C PRO D 98 8.67 -26.53 -4.34
N GLU D 99 9.81 -27.02 -4.82
CA GLU D 99 10.02 -28.48 -4.96
C GLU D 99 10.25 -29.14 -3.59
N LYS D 100 10.99 -28.49 -2.71
CA LYS D 100 11.20 -29.04 -1.35
C LYS D 100 9.88 -28.97 -0.58
N THR D 101 9.08 -27.95 -0.84
CA THR D 101 7.76 -27.80 -0.20
C THR D 101 6.86 -28.93 -0.70
N ARG D 102 6.99 -29.25 -1.97
CA ARG D 102 6.15 -30.32 -2.57
C ARG D 102 6.56 -31.68 -2.00
N ALA D 103 7.86 -31.87 -1.70
CA ALA D 103 8.35 -33.14 -1.14
C ALA D 103 7.80 -33.34 0.28
N GLY D 104 7.83 -32.28 1.08
CA GLY D 104 7.31 -32.36 2.45
C GLY D 104 5.85 -32.74 2.44
N ALA D 105 5.09 -32.21 1.50
CA ALA D 105 3.65 -32.53 1.39
C ALA D 105 3.44 -34.02 1.11
N ARG D 106 4.23 -34.56 0.20
CA ARG D 106 4.13 -35.99 -0.16
C ARG D 106 4.53 -36.83 1.05
N TRP D 107 5.58 -36.44 1.75
CA TRP D 107 6.04 -37.17 2.96
C TRP D 107 4.93 -37.17 3.99
N ILE D 108 4.28 -36.04 4.20
CA ILE D 108 3.22 -35.95 5.26
C ILE D 108 2.06 -36.87 4.84
N ALA D 109 1.72 -36.90 3.55
CA ALA D 109 0.62 -37.75 3.04
C ALA D 109 1.00 -39.24 3.10
N GLU D 110 2.28 -39.55 3.03
CA GLU D 110 2.76 -40.96 3.17
C GLU D 110 2.50 -41.41 4.61
N HIS D 111 2.49 -40.48 5.55
CA HIS D 111 2.29 -40.82 6.99
C HIS D 111 0.87 -40.52 7.39
N GLY D 112 -0.02 -40.30 6.42
CA GLY D 112 -1.46 -40.14 6.71
C GLY D 112 -1.86 -38.74 7.14
N GLY D 113 -0.96 -37.78 7.02
CA GLY D 113 -1.33 -36.40 7.34
C GLY D 113 -1.62 -35.55 6.12
N THR D 114 -1.91 -34.27 6.35
CA THR D 114 -2.12 -33.33 5.24
C THR D 114 -1.26 -32.08 5.48
N LEU D 115 -0.38 -31.74 4.55
CA LEU D 115 0.45 -30.52 4.67
C LEU D 115 -0.21 -29.33 3.98
N ILE D 116 -0.37 -28.23 4.71
CA ILE D 116 -0.82 -26.96 4.09
C ILE D 116 0.43 -26.08 4.12
N ALA D 117 0.89 -25.65 2.97
CA ALA D 117 2.09 -24.80 2.89
C ALA D 117 1.73 -23.33 3.15
N GLY D 118 2.61 -22.64 3.85
CA GLY D 118 2.37 -21.23 4.16
C GLY D 118 3.59 -20.36 3.99
N GLY D 119 3.40 -19.14 3.54
CA GLY D 119 4.50 -18.18 3.43
C GLY D 119 4.08 -16.85 4.04
N VAL D 120 4.58 -16.54 5.22
CA VAL D 120 4.17 -15.30 5.96
C VAL D 120 4.97 -14.11 5.45
N THR D 121 4.30 -13.09 4.95
CA THR D 121 4.97 -11.92 4.32
C THR D 121 5.09 -10.75 5.30
N CYS D 122 5.18 -11.05 6.60
CA CYS D 122 5.23 -10.01 7.64
C CYS D 122 6.32 -10.31 8.66
N PRO D 123 6.94 -9.29 9.33
CA PRO D 123 7.92 -9.58 10.38
C PRO D 123 7.22 -10.06 11.67
N PRO D 124 7.94 -10.55 12.71
CA PRO D 124 7.30 -10.95 13.96
C PRO D 124 6.35 -9.90 14.55
N SER D 125 6.73 -8.62 14.48
CA SER D 125 5.90 -7.51 15.01
C SER D 125 4.52 -7.50 14.34
N GLY D 126 4.42 -8.00 13.10
CA GLY D 126 3.16 -7.97 12.35
C GLY D 126 2.29 -9.19 12.56
N ILE D 127 2.80 -10.23 13.21
CA ILE D 127 1.92 -11.40 13.52
C ILE D 127 0.82 -10.92 14.46
N GLY D 128 -0.43 -11.14 14.08
CA GLY D 128 -1.57 -10.67 14.88
C GLY D 128 -2.20 -9.43 14.28
N SER D 129 -1.51 -8.78 13.34
CA SER D 129 -2.03 -7.52 12.77
C SER D 129 -2.85 -7.82 11.52
N PRO D 130 -4.08 -7.25 11.37
CA PRO D 130 -4.87 -7.36 10.15
C PRO D 130 -4.19 -6.82 8.89
N GLU D 131 -3.10 -6.07 9.06
CA GLU D 131 -2.34 -5.51 7.92
C GLU D 131 -1.47 -6.59 7.32
N SER D 132 -1.23 -7.67 8.05
CA SER D 132 -0.30 -8.72 7.59
C SER D 132 -1.03 -9.82 6.82
N SER D 133 -0.31 -10.48 5.92
CA SER D 133 -0.90 -11.56 5.10
C SER D 133 0.04 -12.75 4.99
N ALA D 134 -0.50 -13.87 4.51
CA ALA D 134 0.31 -15.09 4.28
C ALA D 134 -0.25 -15.85 3.09
N PHE D 135 0.62 -16.32 2.20
CA PHE D 135 0.20 -17.21 1.11
C PHE D 135 -0.02 -18.61 1.66
N TYR D 136 -1.11 -19.25 1.25
CA TYR D 136 -1.37 -20.65 1.67
C TYR D 136 -1.71 -21.45 0.43
N SER D 137 -1.23 -22.68 0.40
CA SER D 137 -1.50 -23.56 -0.75
C SER D 137 -1.55 -25.01 -0.24
N GLY D 138 -2.40 -25.83 -0.84
CA GLY D 138 -2.55 -27.21 -0.39
C GLY D 138 -3.98 -27.68 -0.50
N PRO D 139 -4.36 -28.90 -0.02
CA PRO D 139 -5.72 -29.38 -0.17
C PRO D 139 -6.70 -28.36 0.41
N SER D 140 -7.59 -27.85 -0.43
CA SER D 140 -8.53 -26.79 -0.04
C SER D 140 -9.36 -27.14 1.19
N ALA D 141 -9.82 -28.38 1.30
CA ALA D 141 -10.73 -28.74 2.41
C ALA D 141 -10.03 -28.63 3.76
N ALA D 142 -8.78 -29.05 3.85
CA ALA D 142 -8.01 -28.95 5.10
C ALA D 142 -7.73 -27.48 5.43
N PHE D 143 -7.47 -26.68 4.41
CA PHE D 143 -7.25 -25.24 4.64
C PHE D 143 -8.54 -24.63 5.17
N GLU D 144 -9.68 -24.97 4.58
CA GLU D 144 -10.99 -24.39 4.98
C GLU D 144 -11.28 -24.76 6.43
N ARG D 145 -10.92 -25.97 6.84
CA ARG D 145 -11.18 -26.46 8.20
C ARG D 145 -10.36 -25.69 9.23
N HIS D 146 -9.16 -25.23 8.88
CA HIS D 146 -8.26 -24.59 9.86
C HIS D 146 -8.04 -23.10 9.56
N ARG D 147 -8.75 -22.54 8.59
CA ARG D 147 -8.57 -21.13 8.16
C ARG D 147 -8.83 -20.15 9.31
N GLU D 148 -9.91 -20.32 10.06
CA GLU D 148 -10.27 -19.37 11.15
C GLU D 148 -9.13 -19.24 12.17
N THR D 149 -8.46 -20.35 12.50
CA THR D 149 -7.29 -20.32 13.42
C THR D 149 -6.08 -19.64 12.75
N LEU D 150 -5.83 -19.91 11.48
CA LEU D 150 -4.71 -19.28 10.73
C LEU D 150 -4.96 -17.79 10.54
N ARG D 151 -6.22 -17.36 10.51
CA ARG D 151 -6.56 -15.93 10.39
C ARG D 151 -6.19 -15.14 11.67
N THR D 152 -5.87 -15.83 12.77
CA THR D 152 -5.42 -15.14 14.00
C THR D 152 -4.01 -14.58 13.76
N LEU D 153 -3.21 -15.30 12.98
CA LEU D 153 -1.80 -14.89 12.75
C LEU D 153 -1.78 -13.75 11.74
N THR D 154 -2.33 -14.01 10.56
CA THR D 154 -2.34 -13.02 9.48
C THR D 154 -3.58 -13.23 8.62
N ARG D 155 -3.76 -12.38 7.61
CA ARG D 155 -4.83 -12.62 6.63
C ARG D 155 -4.39 -13.82 5.79
N THR D 156 -5.35 -14.56 5.25
CA THR D 156 -5.03 -15.81 4.52
C THR D 156 -5.19 -15.60 3.00
N ASP D 157 -4.14 -15.85 2.23
CA ASP D 157 -4.19 -15.73 0.76
C ASP D 157 -4.00 -17.12 0.15
N TYR D 158 -5.09 -17.84 -0.05
CA TYR D 158 -5.03 -19.20 -0.65
C TYR D 158 -4.74 -19.08 -2.15
N ARG D 159 -3.64 -19.69 -2.58
CA ARG D 159 -3.23 -19.57 -4.00
C ARG D 159 -3.66 -20.80 -4.81
N GLY D 160 -4.06 -21.87 -4.13
CA GLY D 160 -4.42 -23.10 -4.86
C GLY D 160 -4.04 -24.41 -4.19
N GLU D 161 -4.31 -25.52 -4.86
CA GLU D 161 -4.08 -26.87 -4.30
C GLU D 161 -2.58 -27.24 -4.26
N ASP D 162 -1.76 -26.75 -5.17
CA ASP D 162 -0.34 -27.16 -5.23
C ASP D 162 0.38 -26.57 -4.02
N PRO D 163 1.01 -27.38 -3.11
CA PRO D 163 1.77 -26.81 -1.99
C PRO D 163 2.95 -25.93 -2.40
N GLY D 164 3.48 -26.11 -3.61
CA GLY D 164 4.62 -25.32 -4.08
C GLY D 164 4.24 -23.88 -4.36
N LEU D 165 2.95 -23.60 -4.51
CA LEU D 165 2.50 -22.23 -4.89
C LEU D 165 2.80 -21.23 -3.78
N ALA D 166 2.59 -21.60 -2.52
CA ALA D 166 2.83 -20.66 -1.41
C ALA D 166 4.31 -20.34 -1.30
N ALA D 167 5.17 -21.31 -1.60
CA ALA D 167 6.63 -21.10 -1.59
C ALA D 167 7.06 -20.22 -2.77
N LEU D 168 6.47 -20.44 -3.95
CA LEU D 168 6.82 -19.67 -5.17
C LEU D 168 6.47 -18.20 -4.96
N TRP D 169 5.26 -17.94 -4.48
CA TRP D 169 4.81 -16.54 -4.24
C TRP D 169 5.67 -15.86 -3.19
N TYR D 170 6.12 -16.61 -2.18
CA TYR D 170 6.99 -16.06 -1.11
C TYR D 170 8.35 -15.67 -1.68
N GLN D 171 8.96 -16.54 -2.47
CA GLN D 171 10.29 -16.27 -3.06
C GLN D 171 10.22 -15.10 -4.04
N ILE D 172 9.10 -14.96 -4.75
CA ILE D 172 8.91 -13.86 -5.73
C ILE D 172 9.04 -12.52 -4.99
N GLY D 173 8.50 -12.45 -3.78
CA GLY D 173 8.59 -11.20 -3.00
C GLY D 173 9.90 -11.06 -2.27
N MET D 174 10.48 -12.17 -1.79
CA MET D 174 11.73 -12.11 -1.01
C MET D 174 12.92 -11.73 -1.88
N VAL D 175 12.92 -12.09 -3.16
CA VAL D 175 14.02 -11.66 -4.06
C VAL D 175 13.97 -10.13 -4.20
N MET D 176 12.79 -9.55 -4.18
CA MET D 176 12.65 -8.08 -4.22
C MET D 176 13.06 -7.52 -2.87
N TRP D 177 12.57 -8.12 -1.79
CA TRP D 177 12.84 -7.60 -0.42
C TRP D 177 14.33 -7.63 -0.12
N TRP D 178 14.98 -8.77 -0.35
CA TRP D 178 16.41 -8.91 -0.01
C TRP D 178 17.25 -7.95 -0.85
N ASN D 179 16.94 -7.83 -2.13
CA ASN D 179 17.73 -6.95 -3.03
C ASN D 179 17.57 -5.50 -2.56
N ALA D 180 16.35 -5.12 -2.20
CA ALA D 180 16.09 -3.73 -1.76
C ALA D 180 16.82 -3.44 -0.43
N MET D 181 16.82 -4.39 0.49
CA MET D 181 17.46 -4.19 1.81
C MET D 181 18.99 -4.28 1.69
N LEU D 182 19.51 -5.06 0.76
CA LEU D 182 20.97 -5.10 0.53
C LEU D 182 21.37 -3.75 -0.06
N GLY D 183 20.49 -3.15 -0.86
CA GLY D 183 20.74 -1.80 -1.35
C GLY D 183 20.72 -0.78 -0.21
N TYR D 184 19.86 -0.98 0.77
CA TYR D 184 19.82 -0.08 1.95
C TYR D 184 21.14 -0.19 2.74
N LEU D 185 21.59 -1.41 3.02
CA LEU D 185 22.83 -1.63 3.78
C LEU D 185 23.98 -0.95 3.03
N GLN D 186 24.00 -1.05 1.71
CA GLN D 186 25.06 -0.42 0.89
C GLN D 186 24.99 1.10 1.02
N ALA D 187 23.80 1.68 0.94
CA ALA D 187 23.61 3.13 1.05
C ALA D 187 24.01 3.62 2.46
N VAL D 188 23.71 2.84 3.48
CA VAL D 188 24.09 3.21 4.88
C VAL D 188 25.62 3.19 4.98
N ALA D 189 26.28 2.21 4.38
CA ALA D 189 27.75 2.16 4.38
C ALA D 189 28.32 3.35 3.61
N LEU D 190 27.78 3.66 2.43
CA LEU D 190 28.24 4.85 1.68
C LEU D 190 28.08 6.08 2.55
N ALA D 191 26.90 6.24 3.14
CA ALA D 191 26.62 7.39 4.00
C ALA D 191 27.63 7.45 5.15
N ASP D 192 27.89 6.33 5.82
CA ASP D 192 28.83 6.27 6.96
C ASP D 192 30.23 6.73 6.53
N ALA D 193 30.69 6.26 5.37
CA ALA D 193 32.01 6.64 4.85
C ALA D 193 32.08 8.13 4.52
N ASN D 194 30.95 8.84 4.55
CA ASN D 194 30.91 10.27 4.18
C ASN D 194 30.31 11.11 5.31
N GLY D 195 30.29 10.59 6.54
CA GLY D 195 29.85 11.37 7.72
C GLY D 195 28.35 11.43 7.90
N LEU D 196 27.62 10.49 7.35
CA LEU D 196 26.14 10.53 7.42
C LEU D 196 25.66 9.25 8.08
N LYS D 197 24.84 9.38 9.11
CA LYS D 197 24.26 8.21 9.78
C LYS D 197 23.07 7.69 8.99
N ALA D 198 22.56 6.53 9.35
CA ALA D 198 21.38 5.96 8.67
C ALA D 198 20.21 6.91 8.85
N ALA D 199 20.10 7.54 10.01
CA ALA D 199 19.02 8.52 10.28
C ALA D 199 19.11 9.73 9.35
N ASP D 200 20.30 10.07 8.85
CA ASP D 200 20.46 11.27 8.00
C ASP D 200 19.96 10.97 6.58
N ILE D 201 20.08 9.72 6.13
CA ILE D 201 19.67 9.31 4.76
C ILE D 201 18.29 8.64 4.80
N LEU D 202 17.74 8.37 5.99
CA LEU D 202 16.41 7.69 6.14
C LEU D 202 15.32 8.42 5.36
N PRO D 203 15.10 9.77 5.43
CA PRO D 203 14.10 10.40 4.57
C PRO D 203 14.25 10.11 3.06
N HIS D 204 15.45 10.23 2.51
CA HIS D 204 15.66 10.02 1.04
C HIS D 204 15.50 8.53 0.71
N ALA D 205 15.92 7.65 1.60
CA ALA D 205 15.75 6.21 1.38
C ALA D 205 14.27 5.87 1.36
N SER D 206 13.51 6.47 2.27
CA SER D 206 12.06 6.22 2.36
C SER D 206 11.36 6.75 1.11
N ASP D 207 11.68 7.96 0.68
CA ASP D 207 11.13 8.50 -0.59
C ASP D 207 11.45 7.59 -1.77
N THR D 208 12.68 7.07 -1.85
CA THR D 208 13.13 6.23 -2.98
C THR D 208 12.28 4.96 -3.03
N VAL D 209 12.07 4.32 -1.88
CA VAL D 209 11.28 3.06 -1.85
C VAL D 209 9.79 3.37 -2.02
N ALA D 210 9.35 4.56 -1.64
CA ALA D 210 7.93 4.95 -1.77
C ALA D 210 7.51 5.22 -3.23
N GLY D 211 8.45 5.62 -4.08
CA GLY D 211 8.16 5.85 -5.50
C GLY D 211 8.25 4.59 -6.34
N LEU D 212 8.65 3.47 -5.75
CA LEU D 212 8.85 2.21 -6.51
C LEU D 212 7.53 1.64 -7.07
N PRO D 213 6.37 1.58 -6.36
CA PRO D 213 5.15 1.06 -6.98
C PRO D 213 4.83 1.66 -8.36
N PHE D 214 5.15 2.94 -8.57
CA PHE D 214 4.93 3.60 -9.88
C PHE D 214 5.76 2.90 -10.95
N PHE D 215 7.04 2.65 -10.66
CA PHE D 215 7.95 2.01 -11.63
C PHE D 215 7.56 0.55 -11.85
N LEU D 216 7.11 -0.14 -10.81
CA LEU D 216 6.66 -1.54 -10.94
C LEU D 216 5.48 -1.61 -11.91
N ARG D 217 4.56 -0.66 -11.84
CA ARG D 217 3.37 -0.61 -12.73
C ARG D 217 3.82 -0.19 -14.13
N PHE D 218 4.62 0.86 -14.22
CA PHE D 218 5.14 1.34 -15.53
C PHE D 218 5.80 0.19 -16.29
N TYR D 219 6.67 -0.57 -15.63
CA TYR D 219 7.42 -1.64 -16.35
C TYR D 219 6.60 -2.93 -16.51
N ALA D 220 5.56 -3.16 -15.71
CA ALA D 220 4.81 -4.43 -15.76
C ALA D 220 4.20 -4.64 -17.13
N ASP D 221 3.33 -3.72 -17.57
CA ASP D 221 2.67 -3.82 -18.89
C ASP D 221 3.71 -3.84 -20.00
N ARG D 222 4.76 -3.04 -19.86
CA ARG D 222 5.85 -3.02 -20.87
C ARG D 222 6.50 -4.40 -21.00
N ILE D 223 6.94 -5.00 -19.90
CA ILE D 223 7.62 -6.32 -19.94
C ILE D 223 6.64 -7.37 -20.49
N ASP D 224 5.40 -7.35 -20.00
CA ASP D 224 4.40 -8.35 -20.43
C ASP D 224 4.14 -8.26 -21.94
N THR D 225 4.21 -7.06 -22.51
CA THR D 225 3.88 -6.85 -23.93
C THR D 225 5.12 -6.72 -24.82
N GLY D 226 6.33 -6.94 -24.27
CA GLY D 226 7.58 -6.89 -25.05
C GLY D 226 8.02 -5.48 -25.37
N HIS D 227 7.46 -4.48 -24.71
CA HIS D 227 7.87 -3.07 -24.93
C HIS D 227 9.13 -2.77 -24.12
N HIS D 228 10.28 -2.81 -24.77
CA HIS D 228 11.56 -2.49 -24.10
C HIS D 228 12.23 -1.31 -24.80
N GLY D 229 11.45 -0.35 -25.29
CA GLY D 229 12.01 0.87 -25.90
C GLY D 229 12.69 1.79 -24.90
N GLY D 230 13.66 2.57 -25.36
CA GLY D 230 14.40 3.49 -24.49
C GLY D 230 13.77 4.87 -24.35
N ASP D 231 12.45 4.96 -24.34
CA ASP D 231 11.72 6.25 -24.30
C ASP D 231 11.85 6.94 -22.94
N ALA D 232 11.86 6.17 -21.85
CA ALA D 232 12.05 6.75 -20.50
C ALA D 232 13.48 6.51 -20.03
N ASP D 233 14.14 5.49 -20.57
CA ASP D 233 15.51 5.13 -20.11
C ASP D 233 16.25 4.24 -21.10
N ARG D 234 17.57 4.40 -21.20
CA ARG D 234 18.39 3.49 -22.03
C ARG D 234 19.32 2.71 -21.10
N LEU D 235 19.64 1.47 -21.45
CA LEU D 235 20.48 0.59 -20.61
C LEU D 235 21.90 1.16 -20.47
N ALA D 236 22.41 1.80 -21.51
CA ALA D 236 23.78 2.36 -21.48
C ALA D 236 23.82 3.46 -20.41
N MET D 237 22.77 4.25 -20.31
CA MET D 237 22.70 5.27 -19.22
C MET D 237 22.72 4.53 -17.88
N GLY D 238 21.98 3.43 -17.75
CA GLY D 238 21.96 2.65 -16.52
C GLY D 238 23.31 2.03 -16.21
N THR D 239 24.04 1.57 -17.23
CA THR D 239 25.37 0.97 -17.03
C THR D 239 26.29 2.04 -16.42
N ALA D 240 26.21 3.27 -16.91
CA ALA D 240 27.00 4.38 -16.32
C ALA D 240 26.53 4.65 -14.89
N SER D 241 25.23 4.73 -14.65
CA SER D 241 24.67 4.94 -13.28
C SER D 241 25.22 3.90 -12.30
N VAL D 242 25.24 2.63 -12.68
CA VAL D 242 25.70 1.56 -11.76
C VAL D 242 27.23 1.62 -11.65
N GLU D 243 27.93 2.04 -12.71
CA GLU D 243 29.40 2.26 -12.63
C GLU D 243 29.65 3.43 -11.68
N HIS D 244 28.80 4.44 -11.74
CA HIS D 244 28.94 5.61 -10.84
C HIS D 244 28.75 5.15 -9.40
N ILE D 245 27.82 4.23 -9.17
CA ILE D 245 27.56 3.68 -7.80
C ILE D 245 28.82 2.91 -7.36
N LEU D 246 29.32 2.00 -8.19
CA LEU D 246 30.52 1.19 -7.86
C LEU D 246 31.71 2.10 -7.52
N HIS D 247 31.96 3.11 -8.35
CA HIS D 247 33.15 3.97 -8.15
C HIS D 247 32.94 4.91 -6.96
N THR D 248 31.72 5.38 -6.73
CA THR D 248 31.45 6.21 -5.53
C THR D 248 31.77 5.36 -4.30
N MET D 249 31.37 4.09 -4.33
CA MET D 249 31.62 3.20 -3.18
C MET D 249 33.12 2.91 -3.06
N ALA D 250 33.81 2.69 -4.18
CA ALA D 250 35.27 2.41 -4.17
C ALA D 250 36.04 3.62 -3.65
N ASP D 251 35.68 4.82 -4.12
CA ASP D 251 36.39 6.06 -3.71
C ASP D 251 36.12 6.37 -2.24
N SER D 252 35.05 5.82 -1.67
CA SER D 252 34.69 6.07 -0.25
C SER D 252 35.13 4.89 0.62
N GLY D 253 35.76 3.87 0.02
CA GLY D 253 36.30 2.74 0.80
C GLY D 253 35.27 1.68 1.13
N VAL D 254 34.12 1.72 0.49
CA VAL D 254 33.02 0.76 0.78
C VAL D 254 33.22 -0.50 -0.05
N ASP D 255 32.95 -1.68 0.53
CA ASP D 255 33.05 -2.98 -0.19
C ASP D 255 32.32 -2.90 -1.54
N THR D 256 32.86 -3.55 -2.55
CA THR D 256 32.32 -3.38 -3.92
C THR D 256 31.91 -4.71 -4.58
N ALA D 257 31.80 -5.79 -3.82
CA ALA D 257 31.35 -7.07 -4.40
C ALA D 257 29.93 -6.97 -4.98
N LEU D 258 28.99 -6.44 -4.20
CA LEU D 258 27.58 -6.30 -4.63
C LEU D 258 27.47 -5.32 -5.81
N PRO D 259 28.03 -4.07 -5.81
CA PRO D 259 27.99 -3.22 -7.00
C PRO D 259 28.69 -3.77 -8.25
N GLU D 260 29.76 -4.55 -8.08
CA GLU D 260 30.46 -5.16 -9.24
C GLU D 260 29.53 -6.18 -9.91
N ALA D 261 28.74 -6.89 -9.12
CA ALA D 261 27.79 -7.87 -9.67
C ALA D 261 26.71 -7.14 -10.47
N VAL D 262 26.32 -5.95 -10.02
CA VAL D 262 25.28 -5.15 -10.73
C VAL D 262 25.88 -4.67 -12.05
N VAL D 263 27.09 -4.12 -12.03
CA VAL D 263 27.77 -3.70 -13.28
C VAL D 263 27.89 -4.91 -14.21
N ALA D 264 28.31 -6.06 -13.69
CA ALA D 264 28.46 -7.29 -14.50
C ALA D 264 27.17 -7.61 -15.25
N PHE D 265 26.03 -7.55 -14.57
CA PHE D 265 24.71 -7.83 -15.19
C PHE D 265 24.41 -6.83 -16.32
N PHE D 266 24.64 -5.56 -16.07
CA PHE D 266 24.37 -4.49 -17.06
C PHE D 266 25.31 -4.65 -18.27
N ARG D 267 26.55 -5.04 -18.01
CA ARG D 267 27.50 -5.28 -19.13
C ARG D 267 27.01 -6.49 -19.94
N ARG D 268 26.47 -7.52 -19.31
CA ARG D 268 25.86 -8.66 -20.05
C ARG D 268 24.70 -8.13 -20.91
N GLY D 269 23.93 -7.18 -20.38
CA GLY D 269 22.85 -6.57 -21.16
C GLY D 269 23.37 -5.88 -22.40
N GLU D 270 24.46 -5.13 -22.27
CA GLU D 270 25.09 -4.46 -23.43
C GLU D 270 25.63 -5.51 -24.41
N ALA D 271 26.24 -6.57 -23.90
CA ALA D 271 26.84 -7.63 -24.75
C ALA D 271 25.76 -8.33 -25.57
N ALA D 272 24.51 -8.25 -25.14
CA ALA D 272 23.41 -8.94 -25.87
C ALA D 272 22.71 -7.97 -26.83
N GLY D 273 23.17 -6.73 -26.92
CA GLY D 273 22.61 -5.76 -27.89
C GLY D 273 21.46 -4.95 -27.32
N TYR D 274 21.47 -4.65 -26.02
CA TYR D 274 20.33 -3.96 -25.38
C TYR D 274 20.64 -2.50 -24.96
N ALA D 275 21.78 -1.92 -25.35
CA ALA D 275 22.19 -0.57 -24.90
C ALA D 275 21.15 0.52 -25.16
N GLU D 276 20.53 0.51 -26.34
CA GLU D 276 19.52 1.53 -26.71
C GLU D 276 18.14 1.13 -26.19
N ASN D 277 18.01 -0.09 -25.68
CA ASN D 277 16.74 -0.54 -25.06
C ASN D 277 16.66 -0.12 -23.59
N SER D 278 15.48 -0.20 -23.00
CA SER D 278 15.34 0.04 -21.55
C SER D 278 16.04 -1.06 -20.77
N PHE D 279 16.50 -0.76 -19.56
CA PHE D 279 17.08 -1.81 -18.69
C PHE D 279 16.10 -2.97 -18.57
N SER D 280 14.80 -2.72 -18.74
CA SER D 280 13.75 -3.77 -18.69
C SER D 280 14.12 -4.94 -19.61
N SER D 281 14.79 -4.64 -20.72
CA SER D 281 15.24 -5.67 -21.69
C SER D 281 15.99 -6.81 -20.99
N MET D 282 16.64 -6.54 -19.86
CA MET D 282 17.48 -7.57 -19.20
C MET D 282 16.62 -8.66 -18.56
N VAL D 283 15.30 -8.54 -18.64
CA VAL D 283 14.41 -9.64 -18.16
C VAL D 283 14.63 -10.84 -19.08
N GLU D 284 14.97 -10.60 -20.34
CA GLU D 284 15.15 -11.70 -21.32
C GLU D 284 16.46 -12.45 -21.02
N LEU D 285 17.38 -11.82 -20.30
CA LEU D 285 18.64 -12.50 -19.92
C LEU D 285 18.33 -13.42 -18.73
N LEU D 286 17.39 -13.01 -17.90
CA LEU D 286 17.08 -13.80 -16.68
C LEU D 286 16.05 -14.88 -17.00
N LYS D 287 15.24 -14.66 -18.03
CA LYS D 287 14.10 -15.57 -18.31
C LYS D 287 14.55 -16.98 -18.71
N LYS D 288 13.75 -17.97 -18.33
CA LYS D 288 13.99 -19.37 -18.73
C LYS D 288 13.83 -19.45 -20.24
N PRO D 289 14.78 -20.07 -20.97
CA PRO D 289 14.64 -20.22 -22.44
C PRO D 289 13.33 -20.88 -22.85
PA NDP E . -28.38 -8.82 -10.44
O1A NDP E . -29.21 -8.21 -9.38
O2A NDP E . -27.80 -7.91 -11.46
O5B NDP E . -29.22 -9.93 -11.19
C5B NDP E . -29.12 -11.30 -10.78
C4B NDP E . -30.22 -12.09 -11.43
O4B NDP E . -31.46 -11.86 -10.73
C3B NDP E . -30.51 -11.78 -12.91
O3B NDP E . -30.33 -12.96 -13.67
C2B NDP E . -31.94 -11.27 -12.91
O2B NDP E . -32.70 -11.67 -14.05
C1B NDP E . -32.49 -11.95 -11.66
N9A NDP E . -33.69 -11.36 -11.09
C8A NDP E . -33.77 -10.27 -10.27
N7A NDP E . -34.99 -9.98 -9.91
C5A NDP E . -35.77 -10.94 -10.53
C6A NDP E . -37.16 -11.18 -10.54
N6A NDP E . -38.05 -10.45 -9.88
N1A NDP E . -37.61 -12.23 -11.27
C2A NDP E . -36.71 -12.96 -11.93
N3A NDP E . -35.39 -12.84 -11.99
C4A NDP E . -34.97 -11.80 -11.26
O3 NDP E . -27.27 -9.67 -9.68
PN NDP E . -25.71 -9.99 -9.67
O1N NDP E . -25.43 -11.05 -10.67
O2N NDP E . -24.93 -8.73 -9.73
O5D NDP E . -25.58 -10.61 -8.22
C5D NDP E . -26.59 -11.54 -7.75
C4D NDP E . -26.57 -11.58 -6.25
O4D NDP E . -25.22 -11.79 -5.78
C3D NDP E . -27.10 -10.32 -5.55
O3D NDP E . -28.02 -10.66 -4.52
C2D NDP E . -25.83 -9.64 -5.05
O2D NDP E . -26.03 -8.94 -3.84
C1D NDP E . -24.84 -10.79 -4.88
N1N NDP E . -23.44 -10.40 -5.20
C2N NDP E . -23.14 -9.45 -6.16
C3N NDP E . -21.84 -9.17 -6.49
C7N NDP E . -21.51 -8.41 -7.72
O7N NDP E . -20.37 -7.97 -7.84
N7N NDP E . -22.42 -8.24 -8.66
C4N NDP E . -20.77 -9.64 -5.60
C5N NDP E . -21.22 -10.49 -4.53
C6N NDP E . -22.42 -11.02 -4.55
P2B NDP E . -32.37 -10.89 -15.43
O1X NDP E . -33.59 -11.15 -16.25
O2X NDP E . -31.16 -11.49 -16.07
O3X NDP E . -32.19 -9.42 -15.14
CAD Q0R F . -8.39 11.23 12.10
CAE Q0R F . -9.21 10.73 13.27
CAF Q0R F . -7.54 10.19 11.78
CAG Q0R F . -8.41 9.59 13.81
CAH Q0R F . -6.81 10.14 10.66
CAI Q0R F . -6.61 11.28 9.91
CAJ Q0R F . -6.22 8.95 10.24
CAK Q0R F . -5.47 8.91 9.09
CAL Q0R F . -5.83 11.24 8.76
CAM Q0R F . -5.28 10.06 8.34
FAB Q0R F . -4.91 7.78 8.68
NAC Q0R F . -7.50 9.25 12.73
CAD Q0R G . -19.13 -5.51 -5.92
CAE Q0R G . -20.22 -4.64 -6.47
CAF Q0R G . -19.64 -6.10 -4.76
CAG Q0R G . -21.44 -5.04 -5.70
CAH Q0R G . -18.89 -6.79 -3.89
CAI Q0R G . -17.53 -6.58 -3.84
CAJ Q0R G . -19.46 -7.69 -2.99
CAK Q0R G . -18.66 -8.36 -2.08
CAL Q0R G . -16.73 -7.25 -2.92
CAM Q0R G . -17.30 -8.14 -2.05
FAB Q0R G . -19.17 -9.16 -1.28
NAC Q0R G . -20.93 -5.86 -4.59
PA NDP H . -7.22 18.38 18.65
O1A NDP H . -7.80 18.93 17.40
O2A NDP H . -8.10 17.64 19.59
O5B NDP H . -6.49 19.55 19.45
C5B NDP H . -5.36 20.17 18.81
C4B NDP H . -4.89 21.34 19.63
O4B NDP H . -5.74 22.47 19.36
C3B NDP H . -4.88 21.17 21.16
O3B NDP H . -3.55 21.40 21.62
C2B NDP H . -5.91 22.18 21.65
O2B NDP H . -5.49 22.78 22.89
C1B NDP H . -5.86 23.21 20.54
N9A NDP H . -7.02 24.08 20.40
C8A NDP H . -8.24 23.74 19.86
N7A NDP H . -9.08 24.73 19.82
C5A NDP H . -8.38 25.80 20.36
C6A NDP H . -8.72 27.15 20.59
N6A NDP H . -9.90 27.67 20.29
N1A NDP H . -7.77 27.95 21.14
C2A NDP H . -6.59 27.42 21.43
N3A NDP H . -6.14 26.18 21.26
C4A NDP H . -7.10 25.41 20.71
O3 NDP H . -5.99 17.41 18.35
PN NDP H . -5.31 16.63 17.14
O1N NDP H . -3.86 16.72 17.38
O2N NDP H . -5.94 15.29 17.03
O5D NDP H . -5.73 17.52 15.88
C5D NDP H . -4.78 18.43 15.30
C4D NDP H . -5.07 18.58 13.83
O4D NDP H . -4.47 17.48 13.11
C3D NDP H . -6.56 18.61 13.44
O3D NDP H . -6.81 19.71 12.56
C2D NDP H . -6.77 17.24 12.79
O2D NDP H . -7.77 17.24 11.78
C1D NDP H . -5.40 16.89 12.24
N1N NDP H . -5.14 15.43 12.23
C2N NDP H . -5.64 14.59 13.19
C3N NDP H . -5.22 13.28 13.27
C7N NDP H . -5.49 12.47 14.48
O7N NDP H . -5.29 11.26 14.44
N7N NDP H . -5.94 13.06 15.58
C4N NDP H . -4.49 12.70 12.13
C5N NDP H . -4.23 13.64 11.06
C6N NDP H . -4.34 14.92 11.24
P2B NDP H . -5.79 21.94 24.23
O1X NDP H . -5.74 23.02 25.28
O2X NDP H . -7.14 21.31 24.14
O3X NDP H . -4.71 20.91 24.45
PA NDP I . 21.11 9.55 -21.71
O1A NDP I . 20.69 8.31 -22.41
O2A NDP I . 22.04 9.45 -20.55
O5B NDP I . 21.70 10.57 -22.76
C5B NDP I . 21.65 11.97 -22.41
C4B NDP I . 22.37 12.78 -23.46
O4B NDP I . 23.80 12.58 -23.33
C3B NDP I . 22.03 12.47 -24.93
O3B NDP I . 21.40 13.62 -25.48
C2B NDP I . 23.38 12.11 -25.57
O2B NDP I . 23.56 12.68 -26.86
C1B NDP I . 24.36 12.73 -24.60
N9A NDP I . 25.69 12.14 -24.59
C8A NDP I . 26.06 10.96 -24.00
N7A NDP I . 27.34 10.69 -24.14
C5A NDP I . 27.83 11.75 -24.86
C6A NDP I . 29.13 12.06 -25.33
N6A NDP I . 30.19 11.29 -25.12
N1A NDP I . 29.29 13.20 -26.02
C2A NDP I . 28.22 13.98 -26.22
N3A NDP I . 26.97 13.81 -25.83
C4A NDP I . 26.83 12.66 -25.14
O3 NDP I . 19.78 10.32 -21.27
PN NDP I . 18.89 10.47 -19.96
O1N NDP I . 18.13 11.73 -20.15
O2N NDP I . 18.14 9.21 -19.74
O5D NDP I . 19.96 10.65 -18.81
C5D NDP I . 20.54 11.96 -18.56
C4D NDP I . 21.18 11.97 -17.20
O4D NDP I . 20.14 12.11 -16.19
C3D NDP I . 21.99 10.73 -16.81
O3D NDP I . 23.23 11.11 -16.21
C2D NDP I . 21.07 10.00 -15.85
O2D NDP I . 21.74 9.24 -14.86
C1D NDP I . 20.25 11.12 -15.22
N1N NDP I . 18.88 10.69 -14.85
C2N NDP I . 18.17 9.78 -15.62
C3N NDP I . 16.85 9.54 -15.40
C7N NDP I . 16.02 8.83 -16.39
O7N NDP I . 14.98 8.28 -16.02
N7N NDP I . 16.40 8.80 -17.66
C4N NDP I . 16.25 10.04 -14.16
C5N NDP I . 17.03 11.07 -13.48
C6N NDP I . 18.32 11.19 -13.71
P2B NDP I . 22.92 11.81 -28.05
O1X NDP I . 22.97 10.36 -27.69
O2X NDP I . 21.53 12.30 -28.26
O3X NDP I . 23.81 12.15 -29.22
CAD Q0R J . 16.71 5.40 -14.01
CAE Q0R J . 16.16 4.37 -14.96
CAF Q0R J . 15.59 6.06 -13.50
CAG Q0R J . 14.80 4.90 -15.29
CAH Q0R J . 15.64 6.86 -12.43
CAI Q0R J . 16.82 7.50 -12.09
CAJ Q0R J . 14.50 7.07 -11.66
CAK Q0R J . 14.55 7.90 -10.55
CAL Q0R J . 16.87 8.33 -10.98
CAM Q0R J . 15.74 8.54 -10.21
FAB Q0R J . 13.51 8.09 -9.85
NAC Q0R J . 14.49 5.81 -14.19
PA NDP K . 14.65 -19.08 12.79
O1A NDP K . 15.37 -19.94 11.82
O2A NDP K . 15.37 -17.89 13.32
O5B NDP K . 14.14 -19.98 14.01
C5B NDP K . 12.91 -20.72 13.83
C4B NDP K . 12.92 -21.98 14.66
O4B NDP K . 13.52 -23.06 13.90
C3B NDP K . 13.65 -21.96 16.01
O3B NDP K . 12.69 -22.22 17.02
C2B NDP K . 14.73 -23.03 15.89
O2B NDP K . 14.87 -23.76 17.10
C1B NDP K . 14.14 -23.93 14.81
N9A NDP K . 15.09 -24.73 14.05
C8A NDP K . 15.94 -24.28 13.08
N7A NDP K . 16.66 -25.23 12.54
C5A NDP K . 16.24 -26.39 13.17
C6A NDP K . 16.61 -27.74 13.04
N6A NDP K . 17.53 -28.17 12.17
N1A NDP K . 15.98 -28.64 13.83
C2A NDP K . 15.08 -28.20 14.70
N3A NDP K . 14.64 -26.97 14.91
C4A NDP K . 15.27 -26.09 14.11
O3 NDP K . 13.29 -18.63 12.11
PN NDP K . 12.33 -17.36 12.21
O1N NDP K . 11.50 -17.49 13.44
O2N NDP K . 13.14 -16.13 11.99
O5D NDP K . 11.40 -17.62 10.96
C5D NDP K . 10.87 -18.94 10.74
C4D NDP K . 10.52 -19.09 9.28
O4D NDP K . 9.65 -17.99 8.88
C3D NDP K . 11.71 -19.09 8.31
O3D NDP K . 11.58 -20.14 7.37
C2D NDP K . 11.65 -17.68 7.69
O2D NDP K . 12.09 -17.63 6.35
C1D NDP K . 10.18 -17.30 7.77
N1N NDP K . 9.96 -15.84 8.00
C2N NDP K . 10.87 -15.05 8.67
C3N NDP K . 10.56 -13.76 9.04
C7N NDP K . 11.36 -13.04 10.05
O7N NDP K . 11.31 -11.81 10.08
N7N NDP K . 12.10 -13.73 10.91
C4N NDP K . 9.40 -13.12 8.40
C5N NDP K . 8.68 -13.97 7.47
C6N NDP K . 8.81 -15.27 7.53
P2B NDP K . 15.86 -23.09 18.18
O1X NDP K . 17.06 -22.56 17.46
O2X NDP K . 16.21 -24.24 19.08
O3X NDP K . 15.14 -22.01 18.95
CAD Q0R L . 12.80 -10.06 7.70
CAE Q0R L . 14.22 -10.52 7.70
CAF Q0R L . 12.15 -10.92 6.81
CAG Q0R L . 14.12 -11.95 7.24
CAH Q0R L . 10.93 -10.68 6.33
CAI Q0R L . 10.20 -9.62 6.84
CAJ Q0R L . 10.37 -11.49 5.36
CAK Q0R L . 9.09 -11.24 4.88
CAL Q0R L . 8.93 -9.37 6.36
CAM Q0R L . 8.39 -10.18 5.39
FAB Q0R L . 8.57 -11.98 3.98
NAC Q0R L . 12.84 -12.02 6.54
#